data_8ZMI
#
_entry.id   8ZMI
#
_cell.length_a   1.00
_cell.length_b   1.00
_cell.length_c   1.00
_cell.angle_alpha   90.00
_cell.angle_beta   90.00
_cell.angle_gamma   90.00
#
_symmetry.space_group_name_H-M   'P 1'
#
loop_
_entity.id
_entity.type
_entity.pdbx_description
1 polymer 'tyrosine--tRNA ligase'
2 polymer 'RNA (169-MER)'
3 non-polymer "ADENOSINE-5'-TRIPHOSPHATE"
#
loop_
_entity_poly.entity_id
_entity_poly.type
_entity_poly.pdbx_seq_one_letter_code
_entity_poly.pdbx_strand_id
1 'polypeptide(L)'
;MEQAPSEALQSLSVSDSQIPQSSNSTPQLSPEEKFKIVRSVGEECIQEDELLNLLTKKPEPVCYDGFEPSGRMHIAQGVM
KTISVNKLTSAGCRVKIWIADWFAKLNNKMGGDLKKIETVGRYLIEIWKAVGMDVEGGKVEFLWSSKEINARADEYWPLV
LDIAQKNNLKRIIRCSQIMGRSEQDELTAAQIFYPCMQCADIFFLKADICQLGMDQRKVNVLAREYCDDIKRKNKPIILS
HHMLPGLQQGQEKMSKSDPSSSVFMEDEEAEVNVKIKKAYCPPKVVEGNPCLEYIKYLILPWFNEFTVERSADNGGNKTF
KSYEELIADYESGELHPADLKPALSKSLNKILEPVREHFRKDSNAKELLKRVKAYRVTK
;
A,B
2 'polyribonucleotide'
;CGUGGUUGACACGCAGACCUCUUACAAGAGUGUCUAGGUGCCUUUGAGAGUUACUCUUUGCUCUCUUCGGAAGAACCCUU
AGGGGUUCGUGCAUGGGCUUGCAUAGCAAGUCUUAGAAUGCGGGUACCGUACAGUGUUGAAAAACACUGUAAAUCUCUAA
AAGAGACCA
;
C
#
loop_
_chem_comp.id
_chem_comp.type
_chem_comp.name
_chem_comp.formula
A RNA linking ADENOSINE-5'-MONOPHOSPHATE 'C10 H14 N5 O7 P'
ATP non-polymer ADENOSINE-5'-TRIPHOSPHATE 'C10 H16 N5 O13 P3'
C RNA linking CYTIDINE-5'-MONOPHOSPHATE 'C9 H14 N3 O8 P'
G RNA linking GUANOSINE-5'-MONOPHOSPHATE 'C10 H14 N5 O8 P'
U RNA linking URIDINE-5'-MONOPHOSPHATE 'C9 H13 N2 O9 P'
#
# COMPACT_ATOMS: atom_id res chain seq x y z
N PRO A 31 35.72 16.54 -12.78
CA PRO A 31 34.42 16.32 -13.42
C PRO A 31 34.41 15.11 -14.36
N GLU A 32 35.25 15.15 -15.40
CA GLU A 32 35.33 14.02 -16.32
C GLU A 32 35.89 12.78 -15.65
N GLU A 33 36.86 12.94 -14.74
CA GLU A 33 37.34 11.81 -13.97
C GLU A 33 36.24 11.20 -13.12
N LYS A 34 35.44 12.05 -12.47
CA LYS A 34 34.30 11.57 -11.70
C LYS A 34 33.32 10.82 -12.58
N PHE A 35 33.04 11.36 -13.76
CA PHE A 35 32.10 10.70 -14.67
C PHE A 35 32.62 9.33 -15.10
N LYS A 36 33.91 9.25 -15.44
CA LYS A 36 34.48 7.96 -15.84
C LYS A 36 34.43 6.96 -14.70
N ILE A 37 34.78 7.40 -13.48
CA ILE A 37 34.75 6.51 -12.33
C ILE A 37 33.33 6.00 -12.08
N VAL A 38 32.35 6.90 -12.15
CA VAL A 38 30.96 6.52 -11.88
C VAL A 38 30.46 5.56 -12.96
N ARG A 39 30.74 5.87 -14.24
CA ARG A 39 30.28 5.02 -15.33
C ARG A 39 30.97 3.66 -15.32
N SER A 40 32.16 3.55 -14.73
CA SER A 40 32.82 2.26 -14.62
C SER A 40 32.08 1.29 -13.71
N VAL A 41 31.09 1.76 -12.95
CA VAL A 41 30.37 0.89 -12.03
C VAL A 41 29.30 0.08 -12.77
N GLY A 42 28.36 0.76 -13.41
CA GLY A 42 27.26 0.07 -14.04
C GLY A 42 27.61 -0.50 -15.41
N GLU A 43 26.75 -1.40 -15.89
CA GLU A 43 26.86 -1.97 -17.22
C GLU A 43 25.90 -1.36 -18.22
N GLU A 44 24.75 -0.86 -17.76
CA GLU A 44 23.79 -0.17 -18.62
C GLU A 44 23.32 1.07 -17.88
N CYS A 45 23.88 2.22 -18.26
CA CYS A 45 23.54 3.49 -17.63
C CYS A 45 22.70 4.30 -18.63
N ILE A 46 21.41 4.42 -18.34
CA ILE A 46 20.53 5.20 -19.20
C ILE A 46 20.79 6.68 -18.95
N GLN A 47 20.77 7.46 -20.03
CA GLN A 47 21.06 8.89 -19.98
C GLN A 47 22.45 9.17 -19.42
N GLU A 48 23.45 8.65 -20.12
CA GLU A 48 24.84 8.96 -19.77
C GLU A 48 25.11 10.45 -19.84
N ASP A 49 24.43 11.15 -20.75
CA ASP A 49 24.52 12.61 -20.79
C ASP A 49 24.01 13.21 -19.49
N GLU A 50 22.90 12.70 -18.97
CA GLU A 50 22.41 13.17 -17.68
C GLU A 50 23.38 12.81 -16.56
N LEU A 51 24.06 11.67 -16.66
CA LEU A 51 25.06 11.32 -15.65
C LEU A 51 26.19 12.34 -15.61
N LEU A 52 26.71 12.70 -16.79
CA LEU A 52 27.75 13.72 -16.86
C LEU A 52 27.24 15.06 -16.36
N ASN A 53 26.01 15.43 -16.73
CA ASN A 53 25.46 16.70 -16.31
C ASN A 53 25.30 16.75 -14.80
N LEU A 54 24.84 15.66 -14.19
CA LEU A 54 24.72 15.59 -12.74
C LEU A 54 26.08 15.69 -12.07
N LEU A 55 27.05 14.92 -12.54
CA LEU A 55 28.37 14.96 -11.91
C LEU A 55 29.07 16.30 -12.10
N THR A 56 28.65 17.08 -13.10
CA THR A 56 29.19 18.43 -13.21
C THR A 56 28.47 19.40 -12.27
N LYS A 57 27.14 19.41 -12.29
CA LYS A 57 26.39 20.39 -11.50
C LYS A 57 26.55 20.13 -10.00
N LYS A 58 26.30 18.90 -9.56
CA LYS A 58 26.24 18.68 -8.12
C LYS A 58 27.59 18.23 -7.58
N PRO A 59 28.01 18.75 -6.42
CA PRO A 59 29.27 18.30 -5.83
C PRO A 59 29.18 16.98 -5.10
N GLU A 60 27.97 16.53 -4.74
CA GLU A 60 27.81 15.27 -4.03
C GLU A 60 26.44 14.68 -4.30
N PRO A 61 26.25 14.02 -5.45
CA PRO A 61 24.96 13.36 -5.71
C PRO A 61 24.74 12.18 -4.79
N VAL A 62 23.46 11.86 -4.58
CA VAL A 62 23.05 10.84 -3.62
C VAL A 62 22.73 9.55 -4.37
N CYS A 63 23.27 8.44 -3.88
CA CYS A 63 23.08 7.14 -4.50
C CYS A 63 22.50 6.15 -3.49
N TYR A 64 21.95 5.05 -3.99
CA TYR A 64 21.51 3.99 -3.11
C TYR A 64 21.83 2.66 -3.79
N ASP A 65 21.67 1.57 -3.05
CA ASP A 65 21.64 0.24 -3.65
C ASP A 65 20.48 -0.55 -3.05
N GLY A 66 19.84 -1.36 -3.88
CA GLY A 66 18.75 -2.21 -3.44
C GLY A 66 19.29 -3.52 -2.90
N PHE A 67 18.83 -3.93 -1.71
CA PHE A 67 19.48 -5.04 -1.03
C PHE A 67 18.52 -5.66 -0.03
N GLU A 68 18.15 -6.92 -0.25
CA GLU A 68 17.29 -7.65 0.68
C GLU A 68 18.14 -8.55 1.57
N PRO A 69 18.15 -8.34 2.89
CA PRO A 69 18.97 -9.18 3.77
C PRO A 69 18.28 -10.50 4.08
N SER A 70 18.82 -11.59 3.53
CA SER A 70 18.22 -12.90 3.71
C SER A 70 19.33 -13.93 3.81
N GLY A 71 19.76 -14.24 5.04
CA GLY A 71 20.72 -15.31 5.25
C GLY A 71 22.02 -15.07 4.54
N ARG A 72 22.54 -16.14 3.94
CA ARG A 72 23.84 -16.09 3.27
C ARG A 72 23.79 -15.17 2.05
N MET A 73 24.87 -14.41 1.86
CA MET A 73 24.96 -13.42 0.80
C MET A 73 26.22 -13.69 -0.02
N HIS A 74 26.06 -13.80 -1.33
CA HIS A 74 27.05 -14.39 -2.21
C HIS A 74 28.05 -13.35 -2.73
N ILE A 75 28.94 -13.82 -3.60
CA ILE A 75 30.07 -13.01 -4.05
C ILE A 75 29.59 -11.81 -4.85
N ALA A 76 28.52 -11.97 -5.62
CA ALA A 76 28.01 -10.86 -6.42
C ALA A 76 27.54 -9.71 -5.56
N GLN A 77 26.79 -10.01 -4.49
CA GLN A 77 26.33 -8.95 -3.59
C GLN A 77 27.42 -8.47 -2.65
N GLY A 78 28.47 -9.26 -2.43
CA GLY A 78 29.55 -8.75 -1.61
C GLY A 78 30.57 -7.90 -2.34
N VAL A 79 31.32 -8.53 -3.25
CA VAL A 79 32.50 -7.88 -3.79
C VAL A 79 32.14 -6.89 -4.89
N MET A 80 31.22 -7.26 -5.79
CA MET A 80 30.78 -6.31 -6.80
C MET A 80 30.15 -5.07 -6.17
N LYS A 81 29.31 -5.28 -5.14
CA LYS A 81 28.68 -4.16 -4.47
C LYS A 81 29.70 -3.28 -3.76
N THR A 82 30.68 -3.89 -3.08
CA THR A 82 31.66 -3.06 -2.38
C THR A 82 32.58 -2.35 -3.35
N ILE A 83 32.89 -2.95 -4.50
CA ILE A 83 33.67 -2.26 -5.52
C ILE A 83 32.90 -1.07 -6.07
N SER A 84 31.61 -1.26 -6.36
CA SER A 84 30.79 -0.17 -6.86
C SER A 84 30.70 0.97 -5.84
N VAL A 85 30.48 0.62 -4.57
CA VAL A 85 30.39 1.65 -3.53
C VAL A 85 31.71 2.37 -3.35
N ASN A 86 32.82 1.64 -3.42
CA ASN A 86 34.13 2.27 -3.29
C ASN A 86 34.39 3.22 -4.45
N LYS A 87 34.02 2.83 -5.67
CA LYS A 87 34.19 3.73 -6.80
C LYS A 87 33.33 4.99 -6.64
N LEU A 88 32.08 4.80 -6.20
CA LEU A 88 31.18 5.95 -6.07
C LEU A 88 31.62 6.90 -4.96
N THR A 89 32.15 6.36 -3.85
CA THR A 89 32.63 7.23 -2.79
C THR A 89 33.98 7.85 -3.14
N SER A 90 34.76 7.22 -4.01
CA SER A 90 35.97 7.85 -4.53
C SER A 90 35.63 8.98 -5.48
N ALA A 91 34.50 8.86 -6.18
CA ALA A 91 34.02 9.93 -7.06
C ALA A 91 33.32 11.04 -6.29
N GLY A 92 33.46 11.09 -4.97
CA GLY A 92 32.84 12.12 -4.17
C GLY A 92 31.33 12.09 -4.15
N CYS A 93 30.74 10.89 -4.21
CA CYS A 93 29.29 10.74 -4.20
C CYS A 93 28.90 9.84 -3.03
N ARG A 94 27.84 10.22 -2.33
CA ARG A 94 27.36 9.45 -1.20
C ARG A 94 26.43 8.34 -1.66
N VAL A 95 26.44 7.23 -0.93
CA VAL A 95 25.60 6.08 -1.21
C VAL A 95 24.79 5.75 0.04
N LYS A 96 23.51 5.44 -0.15
CA LYS A 96 22.62 5.08 0.94
C LYS A 96 22.28 3.60 0.81
N ILE A 97 22.80 2.78 1.72
CA ILE A 97 22.48 1.36 1.70
C ILE A 97 21.04 1.20 2.18
N TRP A 98 20.22 0.52 1.38
CA TRP A 98 18.79 0.41 1.62
C TRP A 98 18.48 -1.02 2.07
N ILE A 99 18.57 -1.24 3.39
CA ILE A 99 18.27 -2.54 3.97
C ILE A 99 16.76 -2.78 3.84
N ALA A 100 16.38 -3.76 3.02
CA ALA A 100 14.98 -4.01 2.71
C ALA A 100 14.39 -5.06 3.66
N ASP A 101 14.50 -4.79 4.96
CA ASP A 101 13.99 -5.74 5.95
C ASP A 101 12.47 -5.82 5.91
N TRP A 102 11.81 -4.69 5.67
CA TRP A 102 10.36 -4.68 5.54
C TRP A 102 9.91 -5.54 4.36
N PHE A 103 10.58 -5.40 3.23
CA PHE A 103 10.28 -6.20 2.05
C PHE A 103 10.55 -7.68 2.30
N ALA A 104 11.63 -7.98 3.01
CA ALA A 104 11.90 -9.37 3.38
C ALA A 104 10.80 -9.94 4.26
N LYS A 105 10.36 -9.18 5.26
CA LYS A 105 9.29 -9.66 6.14
C LYS A 105 8.00 -9.91 5.37
N LEU A 106 7.64 -8.99 4.45
CA LEU A 106 6.39 -9.16 3.74
C LEU A 106 6.48 -10.13 2.58
N ASN A 107 7.68 -10.51 2.15
CA ASN A 107 7.86 -11.63 1.24
C ASN A 107 8.12 -12.93 1.98
N ASN A 108 8.18 -12.88 3.31
CA ASN A 108 8.39 -13.97 4.27
C ASN A 108 9.84 -14.40 4.32
N LYS A 109 10.70 -13.91 3.42
CA LYS A 109 12.08 -14.38 3.30
C LYS A 109 12.81 -14.33 4.64
N MET A 110 13.60 -15.36 4.90
CA MET A 110 14.36 -15.50 6.13
C MET A 110 13.43 -15.54 7.34
N GLY A 111 12.57 -16.56 7.37
CA GLY A 111 11.75 -16.87 8.52
C GLY A 111 10.65 -15.89 8.85
N GLY A 112 10.57 -14.76 8.18
CA GLY A 112 9.54 -13.77 8.52
C GLY A 112 9.57 -13.28 9.95
N ASP A 113 10.77 -13.06 10.49
CA ASP A 113 10.92 -12.58 11.86
C ASP A 113 11.75 -11.30 11.84
N LEU A 114 11.15 -10.21 12.34
CA LEU A 114 11.74 -8.88 12.18
C LEU A 114 13.07 -8.75 12.91
N LYS A 115 13.11 -9.17 14.18
CA LYS A 115 14.31 -8.95 14.98
C LYS A 115 15.51 -9.70 14.42
N LYS A 116 15.32 -10.97 14.05
CA LYS A 116 16.46 -11.72 13.56
C LYS A 116 16.76 -11.43 12.09
N ILE A 117 15.80 -10.93 11.31
CA ILE A 117 16.14 -10.36 10.02
C ILE A 117 17.01 -9.13 10.19
N GLU A 118 16.72 -8.31 11.19
CA GLU A 118 17.57 -7.16 11.49
C GLU A 118 18.96 -7.61 11.91
N THR A 119 19.06 -8.68 12.70
CA THR A 119 20.37 -9.19 13.08
C THR A 119 21.14 -9.67 11.84
N VAL A 120 20.44 -10.34 10.92
CA VAL A 120 21.09 -10.76 9.67
C VAL A 120 21.58 -9.55 8.89
N GLY A 121 20.74 -8.51 8.79
CA GLY A 121 21.17 -7.30 8.09
C GLY A 121 22.39 -6.66 8.72
N ARG A 122 22.43 -6.64 10.06
CA ARG A 122 23.61 -6.12 10.75
C ARG A 122 24.84 -6.99 10.47
N TYR A 123 24.66 -8.31 10.43
CA TYR A 123 25.76 -9.21 10.12
C TYR A 123 26.33 -8.95 8.73
N LEU A 124 25.45 -8.77 7.74
CA LEU A 124 25.92 -8.48 6.39
C LEU A 124 26.54 -7.08 6.29
N ILE A 125 26.02 -6.12 7.04
CA ILE A 125 26.68 -4.81 7.11
C ILE A 125 28.09 -4.96 7.66
N GLU A 126 28.26 -5.81 8.68
CA GLU A 126 29.58 -6.09 9.21
C GLU A 126 30.47 -6.78 8.18
N ILE A 127 29.88 -7.65 7.36
CA ILE A 127 30.63 -8.30 6.29
C ILE A 127 31.18 -7.27 5.32
N TRP A 128 30.33 -6.32 4.91
CA TRP A 128 30.79 -5.25 4.01
C TRP A 128 31.84 -4.37 4.70
N LYS A 129 31.65 -4.09 5.99
CA LYS A 129 32.66 -3.34 6.73
C LYS A 129 34.00 -4.05 6.71
N ALA A 130 34.00 -5.36 6.93
CA ALA A 130 35.24 -6.12 6.94
C ALA A 130 35.89 -6.17 5.56
N VAL A 131 35.11 -6.44 4.52
CA VAL A 131 35.67 -6.55 3.18
C VAL A 131 36.14 -5.18 2.69
N GLY A 132 35.61 -4.10 3.26
CA GLY A 132 36.07 -2.77 2.90
C GLY A 132 34.96 -1.79 2.63
N MET A 133 34.92 -0.72 3.43
CA MET A 133 33.86 0.27 3.37
C MET A 133 34.31 1.49 4.16
N ASP A 134 34.20 2.67 3.55
CA ASP A 134 34.66 3.89 4.21
C ASP A 134 33.51 4.49 5.01
N VAL A 135 33.39 4.06 6.26
CA VAL A 135 32.42 4.64 7.17
C VAL A 135 32.98 5.83 7.95
N GLU A 136 34.29 6.04 7.93
CA GLU A 136 34.88 7.17 8.65
C GLU A 136 34.42 8.49 8.05
N GLY A 137 34.36 8.58 6.72
CA GLY A 137 33.98 9.80 6.05
C GLY A 137 32.50 10.08 5.99
N GLY A 138 31.66 9.14 6.40
CA GLY A 138 30.23 9.35 6.38
C GLY A 138 29.62 9.38 4.99
N LYS A 139 30.35 8.93 3.97
CA LYS A 139 29.80 8.92 2.62
C LYS A 139 28.75 7.83 2.45
N VAL A 140 28.88 6.73 3.20
CA VAL A 140 27.95 5.61 3.10
C VAL A 140 26.91 5.74 4.20
N GLU A 141 25.69 5.28 3.89
CA GLU A 141 24.57 5.38 4.82
C GLU A 141 23.87 4.03 4.88
N PHE A 142 23.91 3.40 6.05
CA PHE A 142 23.24 2.12 6.28
C PHE A 142 21.84 2.42 6.78
N LEU A 143 20.87 2.45 5.86
CA LEU A 143 19.49 2.81 6.18
C LEU A 143 18.60 1.59 6.10
N TRP A 144 17.88 1.32 7.19
CA TRP A 144 16.89 0.25 7.22
C TRP A 144 15.55 0.78 6.76
N SER A 145 14.87 0.02 5.89
CA SER A 145 13.60 0.46 5.34
C SER A 145 12.56 0.67 6.44
N SER A 146 12.48 -0.27 7.40
CA SER A 146 11.47 -0.16 8.44
C SER A 146 11.65 1.11 9.26
N LYS A 147 12.89 1.40 9.65
CA LYS A 147 13.15 2.59 10.47
C LYS A 147 12.80 3.86 9.71
N GLU A 148 13.22 3.96 8.45
CA GLU A 148 12.96 5.16 7.67
C GLU A 148 11.47 5.36 7.42
N ILE A 149 10.75 4.26 7.14
CA ILE A 149 9.32 4.38 6.90
C ILE A 149 8.58 4.75 8.18
N ASN A 150 8.95 4.15 9.31
CA ASN A 150 8.34 4.54 10.57
C ASN A 150 8.65 5.98 10.92
N ALA A 151 9.82 6.49 10.48
CA ALA A 151 10.16 7.88 10.77
C ALA A 151 9.38 8.85 9.90
N ARG A 152 9.22 8.54 8.61
CA ARG A 152 8.66 9.49 7.65
C ARG A 152 7.53 8.85 6.84
N ALA A 153 6.62 8.18 7.54
CA ALA A 153 5.42 7.64 6.87
C ALA A 153 4.64 8.73 6.15
N ASP A 154 4.43 9.87 6.82
CA ASP A 154 3.59 10.92 6.24
C ASP A 154 4.19 11.51 4.97
N GLU A 155 5.47 11.24 4.70
CA GLU A 155 6.09 11.65 3.44
C GLU A 155 6.25 10.50 2.47
N TYR A 156 6.38 9.27 2.95
CA TYR A 156 6.65 8.12 2.11
C TYR A 156 5.38 7.48 1.55
N TRP A 157 4.38 7.27 2.40
CA TRP A 157 3.20 6.53 1.99
C TRP A 157 2.27 7.36 1.10
N PRO A 158 2.09 8.66 1.36
CA PRO A 158 1.45 9.50 0.33
C PRO A 158 2.19 9.44 -0.99
N LEU A 159 3.53 9.37 -0.96
CA LEU A 159 4.30 9.22 -2.18
C LEU A 159 3.99 7.90 -2.87
N VAL A 160 3.87 6.82 -2.09
CA VAL A 160 3.54 5.51 -2.66
C VAL A 160 2.17 5.56 -3.34
N LEU A 161 1.19 6.16 -2.66
CA LEU A 161 -0.15 6.23 -3.23
C LEU A 161 -0.19 7.13 -4.46
N ASP A 162 0.61 8.20 -4.46
CA ASP A 162 0.68 9.05 -5.65
C ASP A 162 1.29 8.32 -6.83
N ILE A 163 2.35 7.55 -6.60
CA ILE A 163 2.92 6.74 -7.67
C ILE A 163 1.91 5.72 -8.16
N ALA A 164 1.16 5.13 -7.24
CA ALA A 164 0.10 4.20 -7.62
C ALA A 164 -0.94 4.87 -8.51
N GLN A 165 -1.34 6.08 -8.15
CA GLN A 165 -2.30 6.81 -8.95
C GLN A 165 -1.76 7.10 -10.34
N LYS A 166 -0.50 7.52 -10.42
CA LYS A 166 0.08 7.89 -11.71
C LYS A 166 0.37 6.70 -12.61
N ASN A 167 0.61 5.51 -12.05
CA ASN A 167 0.97 4.34 -12.86
C ASN A 167 -0.11 3.28 -12.76
N ASN A 168 -0.51 2.74 -13.90
CA ASN A 168 -1.69 1.90 -13.97
C ASN A 168 -1.36 0.45 -13.58
N LEU A 169 -2.43 -0.35 -13.49
CA LEU A 169 -2.30 -1.72 -12.99
C LEU A 169 -1.46 -2.59 -13.91
N LYS A 170 -1.67 -2.47 -15.23
CA LYS A 170 -0.89 -3.29 -16.15
C LYS A 170 0.60 -2.97 -16.04
N ARG A 171 0.94 -1.68 -15.93
CA ARG A 171 2.33 -1.29 -15.78
C ARG A 171 2.92 -1.84 -14.48
N ILE A 172 2.15 -1.80 -13.39
CA ILE A 172 2.67 -2.35 -12.14
C ILE A 172 2.80 -3.87 -12.23
N ILE A 173 1.88 -4.55 -12.92
CA ILE A 173 2.02 -5.97 -13.22
C ILE A 173 3.33 -6.25 -13.93
N ARG A 174 3.68 -5.42 -14.91
CA ARG A 174 4.81 -5.71 -15.78
C ARG A 174 6.14 -5.73 -15.02
N CYS A 175 6.18 -5.22 -13.79
CA CYS A 175 7.34 -5.37 -12.92
C CYS A 175 7.21 -6.67 -12.14
N SER A 176 7.30 -7.79 -12.88
CA SER A 176 7.00 -9.10 -12.33
C SER A 176 8.21 -10.01 -12.16
N GLN A 177 9.20 -9.92 -13.05
CA GLN A 177 10.33 -10.85 -13.03
C GLN A 177 11.41 -10.46 -12.03
N ILE A 178 11.22 -9.37 -11.27
CA ILE A 178 12.16 -9.05 -10.21
C ILE A 178 12.14 -10.10 -9.12
N MET A 179 11.03 -10.79 -8.93
CA MET A 179 10.93 -11.89 -7.98
C MET A 179 11.12 -13.25 -8.64
N GLY A 180 11.26 -13.31 -9.96
CA GLY A 180 11.52 -14.56 -10.65
C GLY A 180 10.28 -15.35 -11.03
N ARG A 181 9.34 -14.69 -11.72
CA ARG A 181 8.13 -15.34 -12.19
C ARG A 181 7.81 -14.88 -13.61
N SER A 182 6.94 -15.63 -14.27
CA SER A 182 6.52 -15.32 -15.63
C SER A 182 5.33 -14.38 -15.64
N GLU A 183 5.09 -13.76 -16.79
CA GLU A 183 4.04 -12.76 -16.91
C GLU A 183 2.65 -13.39 -16.74
N GLN A 184 2.45 -14.58 -17.31
CA GLN A 184 1.14 -15.20 -17.31
C GLN A 184 0.70 -15.67 -15.92
N ASP A 185 1.61 -15.72 -14.96
CA ASP A 185 1.28 -16.19 -13.63
C ASP A 185 0.39 -15.19 -12.91
N GLU A 186 -0.18 -15.63 -11.78
CA GLU A 186 -1.08 -14.82 -10.97
C GLU A 186 -0.34 -14.30 -9.75
N LEU A 187 -0.46 -13.00 -9.51
CA LEU A 187 0.24 -12.33 -8.42
C LEU A 187 -0.70 -12.12 -7.24
N THR A 188 -0.11 -11.84 -6.08
CA THR A 188 -0.87 -11.37 -4.94
C THR A 188 -0.83 -9.85 -4.88
N ALA A 189 -1.78 -9.27 -4.13
CA ALA A 189 -1.86 -7.82 -4.06
C ALA A 189 -0.60 -7.21 -3.44
N ALA A 190 0.11 -7.97 -2.61
CA ALA A 190 1.41 -7.49 -2.12
C ALA A 190 2.42 -7.41 -3.23
N GLN A 191 2.30 -8.26 -4.25
CA GLN A 191 3.20 -8.21 -5.39
C GLN A 191 2.87 -7.06 -6.33
N ILE A 192 1.78 -6.34 -6.06
CA ILE A 192 1.52 -5.05 -6.66
C ILE A 192 1.87 -3.90 -5.72
N PHE A 193 1.73 -4.10 -4.41
CA PHE A 193 2.17 -3.09 -3.45
C PHE A 193 3.67 -2.86 -3.57
N TYR A 194 4.44 -3.95 -3.68
CA TYR A 194 5.89 -3.88 -3.63
C TYR A 194 6.52 -3.05 -4.75
N PRO A 195 6.12 -3.18 -6.02
CA PRO A 195 6.74 -2.34 -7.05
C PRO A 195 6.60 -0.85 -6.77
N CYS A 196 5.45 -0.43 -6.25
CA CYS A 196 5.27 0.98 -5.93
C CYS A 196 6.13 1.40 -4.73
N MET A 197 6.31 0.50 -3.75
CA MET A 197 7.19 0.81 -2.64
C MET A 197 8.64 0.98 -3.10
N GLN A 198 9.10 0.10 -3.99
CA GLN A 198 10.43 0.27 -4.57
C GLN A 198 10.52 1.56 -5.37
N CYS A 199 9.50 1.86 -6.19
CA CYS A 199 9.51 3.07 -6.99
C CYS A 199 9.52 4.33 -6.13
N ALA A 200 8.94 4.26 -4.94
CA ALA A 200 8.92 5.40 -4.04
C ALA A 200 10.15 5.48 -3.15
N ASP A 201 10.88 4.38 -2.98
CA ASP A 201 12.11 4.43 -2.18
C ASP A 201 13.12 5.40 -2.76
N ILE A 202 13.20 5.50 -4.08
CA ILE A 202 14.16 6.41 -4.71
C ILE A 202 13.88 7.84 -4.29
N PHE A 203 12.62 8.28 -4.43
CA PHE A 203 12.29 9.65 -4.11
C PHE A 203 12.27 9.89 -2.60
N PHE A 204 11.94 8.84 -1.83
CA PHE A 204 11.98 8.96 -0.38
C PHE A 204 13.42 9.18 0.10
N LEU A 205 14.37 8.50 -0.51
CA LEU A 205 15.78 8.72 -0.23
C LEU A 205 16.32 9.97 -0.89
N LYS A 206 15.60 10.52 -1.88
CA LYS A 206 16.06 11.66 -2.66
C LYS A 206 17.44 11.38 -3.25
N ALA A 207 17.55 10.21 -3.87
CA ALA A 207 18.77 9.74 -4.50
C ALA A 207 18.78 10.15 -5.98
N ASP A 208 19.96 10.51 -6.46
CA ASP A 208 20.14 11.02 -7.82
C ASP A 208 20.54 9.96 -8.82
N ILE A 209 21.37 9.01 -8.43
CA ILE A 209 21.77 7.90 -9.29
C ILE A 209 21.35 6.60 -8.65
N CYS A 210 20.82 5.68 -9.45
CA CYS A 210 20.20 4.45 -8.98
C CYS A 210 21.04 3.27 -9.44
N GLN A 211 21.50 2.44 -8.50
CA GLN A 211 22.20 1.21 -8.84
C GLN A 211 21.50 0.04 -8.14
N LEU A 212 21.10 -0.95 -8.93
CA LEU A 212 20.47 -2.17 -8.44
C LEU A 212 20.83 -3.30 -9.37
N GLY A 213 20.11 -4.41 -9.26
CA GLY A 213 20.28 -5.50 -10.20
C GLY A 213 19.64 -5.19 -11.55
N MET A 214 19.96 -6.02 -12.53
CA MET A 214 19.41 -5.85 -13.87
C MET A 214 17.90 -6.14 -13.90
N ASP A 215 17.40 -6.93 -12.96
CA ASP A 215 15.98 -7.25 -12.93
C ASP A 215 15.12 -6.04 -12.57
N GLN A 216 15.58 -5.20 -11.65
CA GLN A 216 14.83 -4.03 -11.20
C GLN A 216 14.85 -2.88 -12.19
N ARG A 217 15.29 -3.15 -13.43
CA ARG A 217 15.32 -2.10 -14.44
C ARG A 217 13.92 -1.56 -14.72
N LYS A 218 12.91 -2.44 -14.71
CA LYS A 218 11.55 -1.98 -14.94
C LYS A 218 11.07 -1.06 -13.82
N VAL A 219 11.42 -1.40 -12.56
CA VAL A 219 11.05 -0.53 -11.45
C VAL A 219 11.76 0.82 -11.56
N ASN A 220 13.03 0.80 -11.98
CA ASN A 220 13.76 2.06 -12.14
C ASN A 220 13.17 2.90 -13.26
N VAL A 221 12.76 2.26 -14.36
CA VAL A 221 12.08 2.98 -15.44
C VAL A 221 10.75 3.55 -14.95
N LEU A 222 10.06 2.80 -14.10
CA LEU A 222 8.82 3.30 -13.50
C LEU A 222 9.09 4.55 -12.68
N ALA A 223 10.17 4.55 -11.90
CA ALA A 223 10.54 5.72 -11.11
C ALA A 223 10.86 6.91 -12.01
N ARG A 224 11.58 6.66 -13.11
CA ARG A 224 11.87 7.74 -14.06
C ARG A 224 10.59 8.32 -14.63
N GLU A 225 9.65 7.45 -15.03
CA GLU A 225 8.39 7.93 -15.58
C GLU A 225 7.59 8.73 -14.55
N TYR A 226 7.57 8.28 -13.29
CA TYR A 226 6.87 9.03 -12.26
C TYR A 226 7.51 10.39 -12.03
N CYS A 227 8.82 10.47 -12.26
CA CYS A 227 9.56 11.76 -12.06
C CYS A 227 9.27 12.74 -13.20
N ASP A 228 8.88 12.25 -14.37
CA ASP A 228 8.50 13.18 -15.47
C ASP A 228 6.98 13.37 -15.48
N ASP A 229 6.28 12.70 -14.58
CA ASP A 229 4.80 12.89 -14.45
C ASP A 229 4.63 13.86 -13.30
N ILE A 230 5.68 14.02 -12.48
CA ILE A 230 5.58 15.06 -11.47
C ILE A 230 6.48 16.25 -11.76
N LYS A 231 7.18 16.24 -12.88
CA LYS A 231 7.92 17.42 -13.36
C LYS A 231 9.03 17.82 -12.41
N ARG A 232 9.61 16.83 -11.75
CA ARG A 232 10.79 17.12 -10.91
C ARG A 232 11.98 17.15 -11.87
N LYS A 233 12.82 18.19 -11.76
CA LYS A 233 14.04 18.25 -12.59
C LYS A 233 15.07 17.29 -11.97
N ASN A 234 16.04 16.84 -12.76
CA ASN A 234 17.05 15.87 -12.27
C ASN A 234 16.35 14.53 -12.08
N LYS A 235 16.04 13.85 -13.19
CA LYS A 235 15.45 12.53 -13.07
C LYS A 235 16.50 11.53 -12.59
N PRO A 236 16.14 10.57 -11.74
CA PRO A 236 17.14 9.65 -11.19
C PRO A 236 17.84 8.86 -12.30
N ILE A 237 19.13 8.66 -12.12
CA ILE A 237 19.98 8.06 -13.14
C ILE A 237 20.18 6.59 -12.80
N ILE A 238 19.89 5.72 -13.77
CA ILE A 238 19.88 4.28 -13.54
C ILE A 238 21.25 3.72 -13.92
N LEU A 239 21.90 3.08 -12.95
CA LEU A 239 23.22 2.48 -13.12
C LEU A 239 23.08 1.00 -12.82
N SER A 240 22.69 0.22 -13.82
CA SER A 240 22.35 -1.18 -13.62
C SER A 240 23.61 -2.02 -13.46
N HIS A 241 23.62 -2.88 -12.45
CA HIS A 241 24.70 -3.84 -12.26
C HIS A 241 24.58 -5.00 -13.26
N HIS A 242 25.60 -5.83 -13.29
CA HIS A 242 25.58 -7.06 -14.08
C HIS A 242 25.44 -8.26 -13.15
N MET A 243 24.53 -9.16 -13.50
CA MET A 243 24.20 -10.31 -12.66
C MET A 243 25.13 -11.46 -12.99
N LEU A 244 25.78 -11.99 -11.97
CA LEU A 244 26.66 -13.14 -12.13
C LEU A 244 25.84 -14.41 -12.25
N PRO A 245 26.13 -15.29 -13.20
CA PRO A 245 25.33 -16.49 -13.41
C PRO A 245 25.81 -17.64 -12.53
N GLY A 246 25.15 -18.79 -12.69
CA GLY A 246 25.52 -19.95 -11.92
C GLY A 246 26.80 -20.59 -12.42
N LEU A 247 27.48 -21.27 -11.49
CA LEU A 247 28.73 -21.94 -11.83
C LEU A 247 28.51 -23.07 -12.82
N GLN A 248 27.45 -23.85 -12.63
CA GLN A 248 27.15 -24.95 -13.54
C GLN A 248 26.48 -24.42 -14.80
N GLN A 249 26.93 -24.89 -15.95
CA GLN A 249 26.38 -24.42 -17.22
C GLN A 249 24.91 -24.81 -17.33
N GLY A 250 24.11 -23.89 -17.87
CA GLY A 250 22.68 -24.05 -17.98
C GLY A 250 21.87 -23.16 -17.07
N GLN A 251 22.48 -22.61 -16.02
CA GLN A 251 21.81 -21.71 -15.10
C GLN A 251 22.47 -20.34 -15.19
N GLU A 252 21.69 -19.34 -15.60
CA GLU A 252 22.18 -17.99 -15.75
C GLU A 252 21.80 -17.07 -14.59
N LYS A 253 21.09 -17.59 -13.60
CA LYS A 253 20.59 -16.80 -12.49
C LYS A 253 21.50 -16.96 -11.27
N MET A 254 21.26 -16.10 -10.28
CA MET A 254 21.94 -16.15 -8.99
C MET A 254 20.93 -16.48 -7.91
N SER A 255 21.35 -17.30 -6.94
CA SER A 255 20.46 -17.70 -5.86
C SER A 255 21.29 -18.11 -4.66
N LYS A 256 21.05 -17.47 -3.52
CA LYS A 256 21.69 -17.87 -2.27
C LYS A 256 21.09 -19.14 -1.69
N SER A 257 19.85 -19.48 -2.06
CA SER A 257 19.25 -20.72 -1.59
C SER A 257 19.83 -21.94 -2.29
N ASP A 258 20.40 -21.76 -3.49
CA ASP A 258 21.03 -22.84 -4.22
C ASP A 258 22.53 -22.73 -4.08
N PRO A 259 23.18 -23.61 -3.30
CA PRO A 259 24.63 -23.52 -3.12
C PRO A 259 25.44 -24.03 -4.30
N SER A 260 24.79 -24.53 -5.35
CA SER A 260 25.48 -25.08 -6.50
C SER A 260 25.73 -24.05 -7.61
N SER A 261 25.38 -22.79 -7.38
CA SER A 261 25.50 -21.77 -8.43
C SER A 261 26.36 -20.57 -8.04
N SER A 262 26.68 -20.38 -6.76
CA SER A 262 27.44 -19.21 -6.36
C SER A 262 28.28 -19.54 -5.13
N VAL A 263 29.32 -18.74 -4.91
CA VAL A 263 30.20 -18.87 -3.77
C VAL A 263 29.91 -17.75 -2.80
N PHE A 264 30.01 -18.04 -1.51
CA PHE A 264 29.72 -17.09 -0.45
C PHE A 264 31.02 -16.67 0.23
N MET A 265 30.93 -15.63 1.06
CA MET A 265 32.05 -15.19 1.88
C MET A 265 32.00 -15.77 3.29
N GLU A 266 30.99 -16.57 3.60
CA GLU A 266 30.97 -17.36 4.83
C GLU A 266 31.50 -18.76 4.61
N ASP A 267 32.04 -19.04 3.42
CA ASP A 267 32.57 -20.35 3.08
C ASP A 267 34.04 -20.45 3.47
N GLU A 268 34.49 -21.68 3.69
CA GLU A 268 35.89 -21.94 4.01
C GLU A 268 36.70 -22.11 2.74
N GLU A 269 38.04 -22.07 2.92
CA GLU A 269 38.93 -22.06 1.76
C GLU A 269 38.80 -23.34 0.94
N ALA A 270 38.76 -24.49 1.62
CA ALA A 270 38.73 -25.77 0.90
C ALA A 270 37.48 -25.90 0.05
N GLU A 271 36.32 -25.58 0.62
CA GLU A 271 35.09 -25.67 -0.15
C GLU A 271 34.99 -24.58 -1.22
N VAL A 272 35.64 -23.43 -0.99
CA VAL A 272 35.75 -22.43 -2.05
C VAL A 272 36.53 -23.01 -3.23
N ASN A 273 37.65 -23.69 -2.93
CA ASN A 273 38.42 -24.33 -3.99
C ASN A 273 37.58 -25.38 -4.72
N VAL A 274 36.81 -26.16 -3.96
CA VAL A 274 35.94 -27.18 -4.57
C VAL A 274 34.93 -26.52 -5.50
N LYS A 275 34.36 -25.39 -5.06
CA LYS A 275 33.43 -24.65 -5.91
C LYS A 275 34.10 -24.18 -7.19
N ILE A 276 35.32 -23.65 -7.09
CA ILE A 276 36.00 -23.11 -8.27
C ILE A 276 36.30 -24.22 -9.26
N LYS A 277 36.79 -25.37 -8.78
CA LYS A 277 37.04 -26.49 -9.70
C LYS A 277 35.76 -27.11 -10.26
N LYS A 278 34.66 -27.09 -9.51
CA LYS A 278 33.43 -27.60 -10.10
C LYS A 278 32.76 -26.57 -11.02
N ALA A 279 33.21 -25.32 -10.98
CA ALA A 279 32.63 -24.29 -11.83
C ALA A 279 32.95 -24.57 -13.30
N TYR A 280 31.98 -24.29 -14.17
CA TYR A 280 32.15 -24.55 -15.59
C TYR A 280 33.09 -23.52 -16.22
N CYS A 281 34.07 -24.01 -16.98
CA CYS A 281 35.03 -23.14 -17.64
C CYS A 281 35.63 -23.85 -18.85
N PRO A 282 35.06 -23.67 -20.04
CA PRO A 282 35.60 -24.32 -21.23
C PRO A 282 36.75 -23.50 -21.81
N PRO A 283 37.85 -24.15 -22.18
CA PRO A 283 38.98 -23.42 -22.74
C PRO A 283 38.66 -22.81 -24.10
N LYS A 284 39.28 -21.67 -24.38
CA LYS A 284 39.14 -20.96 -25.64
C LYS A 284 37.67 -20.62 -25.94
N VAL A 285 36.93 -20.24 -24.90
CA VAL A 285 35.55 -19.80 -25.03
C VAL A 285 35.44 -18.43 -24.37
N VAL A 286 34.95 -17.45 -25.14
CA VAL A 286 34.98 -16.07 -24.68
C VAL A 286 33.85 -15.80 -23.68
N GLU A 287 32.62 -15.91 -24.14
CA GLU A 287 31.45 -15.58 -23.34
C GLU A 287 30.80 -16.86 -22.80
N GLY A 288 29.92 -16.67 -21.82
CA GLY A 288 29.29 -17.79 -21.17
C GLY A 288 30.17 -18.54 -20.20
N ASN A 289 31.25 -17.92 -19.72
CA ASN A 289 32.15 -18.55 -18.78
C ASN A 289 31.99 -17.91 -17.41
N PRO A 290 31.34 -18.56 -16.45
CA PRO A 290 31.23 -17.98 -15.11
C PRO A 290 32.58 -17.64 -14.50
N CYS A 291 33.60 -18.47 -14.72
CA CYS A 291 34.92 -18.20 -14.15
C CYS A 291 35.52 -16.92 -14.74
N LEU A 292 35.44 -16.75 -16.05
CA LEU A 292 35.97 -15.55 -16.68
C LEU A 292 35.20 -14.31 -16.23
N GLU A 293 33.88 -14.42 -16.13
CA GLU A 293 33.09 -13.29 -15.67
C GLU A 293 33.41 -12.93 -14.23
N TYR A 294 33.59 -13.95 -13.37
CA TYR A 294 34.00 -13.69 -11.99
C TYR A 294 35.35 -12.99 -11.95
N ILE A 295 36.31 -13.46 -12.76
CA ILE A 295 37.59 -12.79 -12.87
C ILE A 295 37.38 -11.31 -13.17
N LYS A 296 36.69 -11.04 -14.29
CA LYS A 296 36.57 -9.66 -14.79
C LYS A 296 35.85 -8.76 -13.80
N TYR A 297 34.82 -9.28 -13.12
CA TYR A 297 34.01 -8.44 -12.25
C TYR A 297 34.47 -8.41 -10.80
N LEU A 298 35.41 -9.27 -10.39
CA LEU A 298 35.84 -9.30 -9.00
C LEU A 298 37.31 -9.00 -8.82
N ILE A 299 38.21 -9.70 -9.51
CA ILE A 299 39.61 -9.63 -9.13
C ILE A 299 40.34 -8.52 -9.90
N LEU A 300 40.01 -8.35 -11.17
CA LEU A 300 40.60 -7.23 -11.92
C LEU A 300 40.24 -5.87 -11.33
N PRO A 301 38.97 -5.54 -11.07
CA PRO A 301 38.68 -4.21 -10.52
C PRO A 301 39.27 -3.99 -9.13
N TRP A 302 39.37 -5.05 -8.32
CA TRP A 302 39.84 -4.89 -6.95
C TRP A 302 41.35 -4.66 -6.89
N PHE A 303 42.12 -5.42 -7.67
CA PHE A 303 43.56 -5.43 -7.53
C PHE A 303 44.31 -4.79 -8.69
N ASN A 304 43.60 -4.34 -9.72
CA ASN A 304 44.19 -3.68 -10.87
C ASN A 304 45.13 -4.60 -11.63
N GLU A 305 45.13 -5.89 -11.27
CA GLU A 305 46.00 -6.88 -11.89
C GLU A 305 45.55 -8.26 -11.43
N PHE A 306 46.13 -9.29 -12.04
CA PHE A 306 45.82 -10.67 -11.71
C PHE A 306 47.04 -11.52 -12.00
N THR A 307 47.53 -12.22 -10.98
CA THR A 307 48.70 -13.08 -11.11
C THR A 307 48.24 -14.52 -11.29
N VAL A 308 48.66 -15.15 -12.39
CA VAL A 308 48.29 -16.52 -12.71
C VAL A 308 49.54 -17.39 -12.64
N GLU A 309 49.47 -18.47 -11.86
CA GLU A 309 50.60 -19.37 -11.67
C GLU A 309 50.53 -20.44 -12.76
N ARG A 310 51.09 -20.14 -13.92
CA ARG A 310 51.11 -21.08 -15.03
C ARG A 310 52.29 -22.04 -14.92
N SER A 311 52.22 -23.12 -15.68
CA SER A 311 53.28 -24.11 -15.69
C SER A 311 54.51 -23.57 -16.41
N ALA A 312 55.65 -24.23 -16.18
CA ALA A 312 56.90 -23.82 -16.81
C ALA A 312 56.91 -24.08 -18.31
N ASP A 313 55.99 -24.90 -18.82
CA ASP A 313 55.92 -25.20 -20.23
C ASP A 313 54.97 -24.27 -20.98
N ASN A 314 54.36 -23.31 -20.29
CA ASN A 314 53.44 -22.37 -20.92
C ASN A 314 53.99 -20.95 -20.99
N GLY A 315 55.11 -20.67 -20.33
CA GLY A 315 55.68 -19.33 -20.34
C GLY A 315 55.98 -18.80 -18.95
N GLY A 316 55.87 -19.67 -17.95
CA GLY A 316 56.13 -19.27 -16.59
C GLY A 316 55.00 -18.42 -16.01
N ASN A 317 55.30 -17.84 -14.85
CA ASN A 317 54.33 -16.97 -14.18
C ASN A 317 54.19 -15.65 -14.95
N LYS A 318 52.95 -15.24 -15.16
CA LYS A 318 52.64 -14.00 -15.87
C LYS A 318 51.52 -13.26 -15.16
N THR A 319 51.65 -11.93 -15.10
CA THR A 319 50.63 -11.08 -14.49
C THR A 319 49.91 -10.30 -15.59
N PHE A 320 48.59 -10.34 -15.58
CA PHE A 320 47.77 -9.66 -16.58
C PHE A 320 47.23 -8.37 -16.00
N LYS A 321 47.44 -7.26 -16.71
CA LYS A 321 47.05 -5.94 -16.25
C LYS A 321 45.66 -5.52 -16.73
N SER A 322 45.11 -6.19 -17.75
CA SER A 322 43.82 -5.80 -18.30
C SER A 322 43.04 -7.03 -18.74
N TYR A 323 41.72 -6.94 -18.65
CA TYR A 323 40.86 -8.03 -19.11
C TYR A 323 41.08 -8.32 -20.59
N GLU A 324 41.37 -7.29 -21.39
CA GLU A 324 41.57 -7.48 -22.82
C GLU A 324 42.76 -8.40 -23.09
N GLU A 325 43.92 -8.08 -22.48
CA GLU A 325 45.08 -8.93 -22.70
C GLU A 325 44.91 -10.29 -22.04
N LEU A 326 44.20 -10.35 -20.90
CA LEU A 326 43.97 -11.64 -20.26
C LEU A 326 43.15 -12.55 -21.16
N ILE A 327 42.06 -12.03 -21.73
CA ILE A 327 41.23 -12.85 -22.62
C ILE A 327 41.94 -13.15 -23.92
N ALA A 328 42.80 -12.23 -24.40
CA ALA A 328 43.57 -12.51 -25.60
C ALA A 328 44.54 -13.66 -25.38
N ASP A 329 45.24 -13.67 -24.24
CA ASP A 329 46.15 -14.76 -23.94
C ASP A 329 45.41 -16.06 -23.67
N TYR A 330 44.21 -15.97 -23.07
CA TYR A 330 43.39 -17.16 -22.88
C TYR A 330 42.94 -17.75 -24.22
N GLU A 331 42.56 -16.89 -25.17
CA GLU A 331 42.19 -17.36 -26.50
C GLU A 331 43.38 -17.97 -27.23
N SER A 332 44.55 -17.35 -27.12
CA SER A 332 45.72 -17.80 -27.86
C SER A 332 46.18 -19.19 -27.47
N GLY A 333 45.77 -19.70 -26.31
CA GLY A 333 46.00 -21.09 -25.98
C GLY A 333 47.12 -21.41 -25.03
N GLU A 334 47.82 -20.40 -24.49
CA GLU A 334 48.82 -20.64 -23.48
C GLU A 334 48.26 -20.52 -22.06
N LEU A 335 46.99 -20.18 -21.92
CA LEU A 335 46.32 -20.14 -20.62
C LEU A 335 45.21 -21.18 -20.64
N HIS A 336 45.23 -22.08 -19.67
CA HIS A 336 44.29 -23.19 -19.58
C HIS A 336 43.51 -23.10 -18.27
N PRO A 337 42.33 -23.73 -18.21
CA PRO A 337 41.59 -23.75 -16.94
C PRO A 337 42.37 -24.38 -15.81
N ALA A 338 43.22 -25.37 -16.10
CA ALA A 338 43.99 -26.03 -15.05
C ALA A 338 44.96 -25.08 -14.36
N ASP A 339 45.31 -23.96 -14.99
CA ASP A 339 46.10 -22.93 -14.36
C ASP A 339 45.28 -21.73 -13.94
N LEU A 340 44.15 -21.48 -14.60
CA LEU A 340 43.31 -20.35 -14.24
C LEU A 340 42.58 -20.59 -12.93
N LYS A 341 42.05 -21.80 -12.73
CA LYS A 341 41.30 -22.10 -11.52
C LYS A 341 42.15 -21.97 -10.25
N PRO A 342 43.39 -22.49 -10.17
CA PRO A 342 44.18 -22.24 -8.96
C PRO A 342 44.44 -20.78 -8.68
N ALA A 343 44.75 -20.00 -9.71
CA ALA A 343 44.98 -18.56 -9.51
C ALA A 343 43.71 -17.85 -9.12
N LEU A 344 42.58 -18.19 -9.75
CA LEU A 344 41.29 -17.62 -9.37
C LEU A 344 40.98 -17.93 -7.91
N SER A 345 41.20 -19.17 -7.50
CA SER A 345 40.94 -19.57 -6.13
C SER A 345 41.83 -18.81 -5.15
N LYS A 346 43.12 -18.68 -5.48
CA LYS A 346 44.03 -17.96 -4.61
C LYS A 346 43.62 -16.50 -4.47
N SER A 347 43.26 -15.86 -5.59
CA SER A 347 42.86 -14.46 -5.54
C SER A 347 41.58 -14.27 -4.72
N LEU A 348 40.59 -15.14 -4.95
CA LEU A 348 39.35 -15.04 -4.19
C LEU A 348 39.59 -15.28 -2.71
N ASN A 349 40.44 -16.26 -2.38
CA ASN A 349 40.76 -16.52 -0.98
C ASN A 349 41.46 -15.33 -0.34
N LYS A 350 42.39 -14.70 -1.07
CA LYS A 350 43.06 -13.52 -0.55
C LYS A 350 42.08 -12.38 -0.31
N ILE A 351 41.11 -12.22 -1.21
CA ILE A 351 40.08 -11.21 -1.03
C ILE A 351 39.24 -11.51 0.21
N LEU A 352 38.93 -12.80 0.43
CA LEU A 352 38.04 -13.18 1.52
C LEU A 352 38.75 -13.32 2.86
N GLU A 353 40.07 -13.31 2.90
CA GLU A 353 40.78 -13.37 4.18
C GLU A 353 40.36 -12.29 5.18
N PRO A 354 40.20 -11.02 4.81
CA PRO A 354 39.73 -10.04 5.81
C PRO A 354 38.40 -10.42 6.44
N VAL A 355 37.50 -11.03 5.67
CA VAL A 355 36.20 -11.43 6.20
C VAL A 355 36.38 -12.47 7.31
N ARG A 356 37.18 -13.50 7.04
CA ARG A 356 37.39 -14.54 8.04
C ARG A 356 38.14 -14.02 9.25
N GLU A 357 39.14 -13.17 9.03
CA GLU A 357 39.87 -12.59 10.15
C GLU A 357 38.96 -11.73 11.03
N HIS A 358 38.07 -10.94 10.41
CA HIS A 358 37.11 -10.16 11.18
C HIS A 358 36.16 -11.07 11.95
N PHE A 359 35.70 -12.15 11.31
CA PHE A 359 34.81 -13.08 12.01
C PHE A 359 35.49 -13.71 13.22
N ARG A 360 36.76 -14.09 13.08
CA ARG A 360 37.49 -14.70 14.18
C ARG A 360 37.89 -13.71 15.26
N LYS A 361 38.07 -12.42 14.91
CA LYS A 361 38.52 -11.45 15.89
C LYS A 361 37.35 -10.80 16.62
N ASP A 362 36.42 -10.19 15.89
CA ASP A 362 35.35 -9.44 16.51
C ASP A 362 34.37 -10.38 17.19
N SER A 363 34.22 -10.22 18.51
CA SER A 363 33.29 -11.05 19.26
C SER A 363 31.86 -10.81 18.80
N ASN A 364 31.49 -9.55 18.54
CA ASN A 364 30.15 -9.26 18.07
C ASN A 364 29.89 -9.91 16.72
N ALA A 365 30.85 -9.83 15.79
CA ALA A 365 30.69 -10.45 14.49
C ALA A 365 30.58 -11.96 14.60
N LYS A 366 31.39 -12.57 15.47
CA LYS A 366 31.31 -14.02 15.66
C LYS A 366 29.97 -14.42 16.25
N GLU A 367 29.46 -13.64 17.20
CA GLU A 367 28.15 -13.93 17.77
C GLU A 367 27.04 -13.80 16.72
N LEU A 368 27.12 -12.77 15.87
CA LEU A 368 26.13 -12.61 14.81
C LEU A 368 26.19 -13.77 13.84
N LEU A 369 27.40 -14.22 13.48
CA LEU A 369 27.53 -15.37 12.59
C LEU A 369 26.96 -16.63 13.23
N LYS A 370 27.21 -16.82 14.53
CA LYS A 370 26.65 -17.98 15.22
C LYS A 370 25.13 -17.94 15.25
N ARG A 371 24.56 -16.75 15.50
CA ARG A 371 23.11 -16.62 15.47
C ARG A 371 22.55 -16.92 14.08
N VAL A 372 23.23 -16.42 13.04
CA VAL A 372 22.77 -16.67 11.68
C VAL A 372 22.81 -18.17 11.36
N LYS A 373 23.89 -18.84 11.76
CA LYS A 373 23.97 -20.29 11.57
C LYS A 373 22.91 -21.03 12.36
N ALA A 374 22.56 -20.53 13.55
CA ALA A 374 21.50 -21.14 14.34
C ALA A 374 20.12 -20.95 13.73
N TYR A 375 19.88 -19.82 13.07
CA TYR A 375 18.60 -19.58 12.41
C TYR A 375 18.50 -20.41 11.15
N ARG A 376 17.27 -20.76 10.78
CA ARG A 376 16.99 -21.55 9.59
C ARG A 376 16.56 -20.64 8.45
N VAL A 377 17.03 -20.92 7.24
CA VAL A 377 16.75 -20.12 6.06
C VAL A 377 15.65 -20.82 5.26
N THR A 378 14.60 -20.07 4.95
CA THR A 378 13.47 -20.59 4.18
C THR A 378 13.11 -19.58 3.10
N LYS A 379 12.91 -20.07 1.88
CA LYS A 379 12.53 -19.21 0.76
C LYS A 379 11.04 -18.89 0.81
N PRO B 31 -29.37 -7.37 27.25
CA PRO B 31 -28.68 -8.08 26.16
C PRO B 31 -29.59 -8.34 24.97
N GLU B 32 -30.78 -8.87 25.22
CA GLU B 32 -31.74 -9.11 24.13
C GLU B 32 -32.21 -7.80 23.53
N GLU B 33 -32.47 -6.79 24.36
CA GLU B 33 -32.85 -5.49 23.83
C GLU B 33 -31.72 -4.89 23.00
N LYS B 34 -30.47 -5.10 23.43
CA LYS B 34 -29.33 -4.68 22.62
C LYS B 34 -29.33 -5.40 21.28
N PHE B 35 -29.65 -6.70 21.29
CA PHE B 35 -29.76 -7.45 20.04
C PHE B 35 -30.78 -6.81 19.11
N LYS B 36 -31.99 -6.54 19.62
CA LYS B 36 -33.03 -5.97 18.76
C LYS B 36 -32.62 -4.61 18.22
N ILE B 37 -32.11 -3.73 19.08
CA ILE B 37 -31.74 -2.38 18.64
C ILE B 37 -30.62 -2.43 17.60
N VAL B 38 -29.60 -3.24 17.86
CA VAL B 38 -28.45 -3.31 16.94
C VAL B 38 -28.87 -3.94 15.62
N ARG B 39 -29.67 -5.01 15.67
CA ARG B 39 -30.10 -5.67 14.45
C ARG B 39 -30.99 -4.78 13.62
N SER B 40 -31.75 -3.89 14.27
CA SER B 40 -32.61 -2.98 13.52
C SER B 40 -31.83 -1.99 12.68
N VAL B 41 -30.52 -1.86 12.91
CA VAL B 41 -29.72 -0.88 12.18
C VAL B 41 -29.61 -1.25 10.71
N GLY B 42 -29.27 -2.50 10.42
CA GLY B 42 -29.02 -2.91 9.05
C GLY B 42 -29.99 -3.99 8.62
N GLU B 43 -30.22 -4.03 7.30
CA GLU B 43 -31.11 -5.02 6.71
C GLU B 43 -30.46 -6.39 6.58
N GLU B 44 -29.14 -6.46 6.46
CA GLU B 44 -28.41 -7.71 6.34
C GLU B 44 -27.42 -7.80 7.48
N CYS B 45 -27.54 -8.84 8.30
CA CYS B 45 -26.65 -9.07 9.43
C CYS B 45 -26.02 -10.46 9.26
N ILE B 46 -24.78 -10.48 8.77
CA ILE B 46 -24.08 -11.75 8.60
C ILE B 46 -23.69 -12.29 9.96
N GLN B 47 -23.98 -13.57 10.20
CA GLN B 47 -23.68 -14.25 11.46
C GLN B 47 -24.37 -13.56 12.64
N GLU B 48 -25.71 -13.63 12.59
CA GLU B 48 -26.51 -13.10 13.70
C GLU B 48 -26.19 -13.79 15.01
N ASP B 49 -25.85 -15.08 14.98
CA ASP B 49 -25.42 -15.76 16.20
C ASP B 49 -24.13 -15.15 16.74
N GLU B 50 -23.18 -14.83 15.85
CA GLU B 50 -21.96 -14.17 16.29
C GLU B 50 -22.24 -12.78 16.83
N LEU B 51 -23.19 -12.06 16.23
CA LEU B 51 -23.58 -10.76 16.78
C LEU B 51 -24.18 -10.92 18.17
N LEU B 52 -24.99 -11.95 18.37
CA LEU B 52 -25.55 -12.23 19.69
C LEU B 52 -24.45 -12.51 20.70
N ASN B 53 -23.47 -13.34 20.32
CA ASN B 53 -22.36 -13.62 21.23
C ASN B 53 -21.58 -12.35 21.56
N LEU B 54 -21.34 -11.51 20.55
CA LEU B 54 -20.61 -10.27 20.76
C LEU B 54 -21.36 -9.34 21.71
N LEU B 55 -22.67 -9.21 21.53
CA LEU B 55 -23.43 -8.34 22.40
C LEU B 55 -23.59 -8.92 23.80
N THR B 56 -23.52 -10.24 23.95
CA THR B 56 -23.58 -10.82 25.28
C THR B 56 -22.26 -10.67 26.03
N LYS B 57 -21.13 -10.80 25.34
CA LYS B 57 -19.85 -10.79 26.04
C LYS B 57 -19.21 -9.41 26.13
N LYS B 58 -19.25 -8.62 25.04
CA LYS B 58 -18.61 -7.31 25.02
C LYS B 58 -19.59 -6.25 25.49
N PRO B 59 -19.27 -5.49 26.55
CA PRO B 59 -20.16 -4.44 27.02
C PRO B 59 -20.45 -3.39 25.95
N GLU B 60 -19.40 -2.78 25.40
CA GLU B 60 -19.55 -1.77 24.37
C GLU B 60 -18.91 -2.21 23.08
N PRO B 61 -19.67 -2.75 22.12
CA PRO B 61 -19.10 -3.05 20.81
C PRO B 61 -18.59 -1.79 20.13
N VAL B 62 -17.48 -1.91 19.43
CA VAL B 62 -16.89 -0.80 18.69
C VAL B 62 -17.25 -1.00 17.22
N CYS B 63 -18.36 -0.40 16.79
CA CYS B 63 -18.78 -0.47 15.40
C CYS B 63 -17.88 0.41 14.54
N TYR B 64 -18.21 0.48 13.26
CA TYR B 64 -17.41 1.24 12.31
C TYR B 64 -18.26 1.61 11.10
N ASP B 65 -18.31 2.89 10.79
CA ASP B 65 -18.86 3.39 9.54
C ASP B 65 -18.17 4.70 9.18
N GLY B 66 -18.05 4.95 7.88
CA GLY B 66 -17.24 6.07 7.42
C GLY B 66 -17.84 6.74 6.21
N PHE B 67 -17.27 7.89 5.87
CA PHE B 67 -17.72 8.66 4.73
C PHE B 67 -16.56 9.50 4.20
N GLU B 68 -16.58 9.78 2.91
CA GLU B 68 -15.58 10.65 2.31
C GLU B 68 -16.04 12.10 2.42
N PRO B 69 -15.29 12.96 3.12
CA PRO B 69 -15.74 14.35 3.33
C PRO B 69 -15.64 15.19 2.06
N SER B 70 -16.60 15.00 1.17
CA SER B 70 -16.61 15.70 -0.10
C SER B 70 -18.03 15.86 -0.60
N GLY B 71 -18.23 16.89 -1.43
CA GLY B 71 -19.52 17.11 -2.06
C GLY B 71 -20.59 17.48 -1.05
N ARG B 72 -21.83 17.42 -1.52
CA ARG B 72 -22.98 17.61 -0.64
C ARG B 72 -23.22 16.34 0.17
N MET B 73 -24.25 16.37 1.01
CA MET B 73 -24.57 15.24 1.88
C MET B 73 -26.06 14.92 1.77
N HIS B 74 -26.38 13.80 1.15
CA HIS B 74 -27.76 13.41 0.93
C HIS B 74 -28.46 13.02 2.23
N ILE B 75 -29.80 13.12 2.20
CA ILE B 75 -30.60 12.83 3.39
C ILE B 75 -30.39 11.40 3.85
N ALA B 76 -30.26 10.46 2.89
CA ALA B 76 -29.98 9.08 3.26
C ALA B 76 -28.79 9.02 4.21
N GLN B 77 -27.62 9.44 3.73
CA GLN B 77 -26.43 9.49 4.57
C GLN B 77 -26.73 10.17 5.90
N GLY B 78 -27.19 11.42 5.85
CA GLY B 78 -27.31 12.19 7.07
C GLY B 78 -28.22 11.55 8.11
N VAL B 79 -29.51 11.44 7.78
CA VAL B 79 -30.47 11.03 8.80
C VAL B 79 -30.36 9.53 9.09
N MET B 80 -30.09 8.70 8.07
CA MET B 80 -29.91 7.27 8.36
C MET B 80 -28.72 7.02 9.26
N LYS B 81 -27.57 7.67 9.00
CA LYS B 81 -26.46 7.49 9.91
C LYS B 81 -26.74 8.07 11.28
N THR B 82 -27.48 9.18 11.36
CA THR B 82 -27.87 9.70 12.67
C THR B 82 -28.72 8.72 13.46
N ILE B 83 -29.73 8.13 12.80
CA ILE B 83 -30.60 7.17 13.47
C ILE B 83 -29.81 5.92 13.86
N SER B 84 -28.96 5.44 12.96
CA SER B 84 -28.17 4.25 13.25
C SER B 84 -27.24 4.47 14.44
N VAL B 85 -26.60 5.63 14.48
CA VAL B 85 -25.66 5.91 15.57
C VAL B 85 -26.41 6.12 16.88
N ASN B 86 -27.57 6.79 16.83
CA ASN B 86 -28.37 6.93 18.05
C ASN B 86 -28.81 5.56 18.57
N LYS B 87 -29.25 4.68 17.67
CA LYS B 87 -29.63 3.33 18.08
C LYS B 87 -28.45 2.59 18.70
N LEU B 88 -27.28 2.70 18.07
CA LEU B 88 -26.10 1.99 18.57
C LEU B 88 -25.67 2.53 19.94
N THR B 89 -25.70 3.85 20.12
CA THR B 89 -25.33 4.45 21.40
C THR B 89 -26.33 4.09 22.48
N SER B 90 -27.62 4.03 22.13
CA SER B 90 -28.62 3.55 23.08
C SER B 90 -28.34 2.11 23.46
N ALA B 91 -27.94 1.29 22.48
CA ALA B 91 -27.47 -0.05 22.78
C ALA B 91 -26.15 -0.02 23.53
N GLY B 92 -25.40 1.07 23.40
CA GLY B 92 -24.12 1.20 24.05
C GLY B 92 -22.97 0.76 23.17
N CYS B 93 -22.89 1.30 21.96
CA CYS B 93 -21.86 0.94 21.00
C CYS B 93 -20.93 2.12 20.78
N ARG B 94 -19.63 1.86 20.91
CA ARG B 94 -18.60 2.88 20.70
C ARG B 94 -18.30 3.01 19.20
N VAL B 95 -19.18 3.73 18.51
CA VAL B 95 -19.02 3.94 17.08
C VAL B 95 -17.75 4.72 16.81
N LYS B 96 -16.96 4.25 15.84
CA LYS B 96 -15.70 4.88 15.44
C LYS B 96 -15.83 5.30 13.99
N ILE B 97 -16.31 6.54 13.77
CA ILE B 97 -16.53 7.02 12.42
C ILE B 97 -15.20 7.35 11.75
N TRP B 98 -15.04 6.86 10.52
CA TRP B 98 -13.79 6.98 9.77
C TRP B 98 -13.97 8.01 8.66
N ILE B 99 -13.43 9.21 8.87
CA ILE B 99 -13.51 10.25 7.85
C ILE B 99 -12.33 10.10 6.89
N ALA B 100 -12.64 9.80 5.62
CA ALA B 100 -11.64 9.33 4.65
C ALA B 100 -11.06 10.50 3.85
N ASP B 101 -10.22 11.29 4.53
CA ASP B 101 -9.70 12.49 3.89
C ASP B 101 -8.61 12.18 2.87
N TRP B 102 -7.75 11.18 3.12
CA TRP B 102 -6.86 10.76 2.04
C TRP B 102 -7.62 10.17 0.87
N PHE B 103 -8.68 9.41 1.11
CA PHE B 103 -9.46 8.95 -0.04
C PHE B 103 -10.07 10.09 -0.84
N ALA B 104 -10.57 11.13 -0.16
CA ALA B 104 -11.06 12.31 -0.86
C ALA B 104 -9.94 12.99 -1.65
N LYS B 105 -8.78 13.16 -1.04
CA LYS B 105 -7.65 13.81 -1.71
C LYS B 105 -7.21 13.02 -2.94
N LEU B 106 -7.13 11.69 -2.81
CA LEU B 106 -6.68 10.85 -3.89
C LEU B 106 -7.70 10.75 -5.01
N ASN B 107 -8.99 10.82 -4.68
CA ASN B 107 -10.01 10.93 -5.70
C ASN B 107 -10.15 12.36 -6.21
N ASN B 108 -9.36 13.28 -5.65
CA ASN B 108 -9.28 14.67 -6.09
C ASN B 108 -10.61 15.39 -5.86
N LYS B 109 -10.99 15.44 -4.58
CA LYS B 109 -12.21 16.09 -4.13
C LYS B 109 -11.86 17.50 -3.65
N MET B 110 -12.69 18.47 -4.05
CA MET B 110 -12.46 19.87 -3.73
C MET B 110 -11.10 20.35 -4.24
N GLY B 111 -10.73 19.89 -5.43
CA GLY B 111 -9.46 20.27 -6.03
C GLY B 111 -8.25 19.70 -5.35
N GLY B 112 -8.40 18.60 -4.61
CA GLY B 112 -7.27 17.99 -3.93
C GLY B 112 -6.64 18.85 -2.87
N ASP B 113 -7.44 19.63 -2.15
CA ASP B 113 -6.93 20.51 -1.10
C ASP B 113 -7.27 19.92 0.25
N LEU B 114 -6.23 19.67 1.06
CA LEU B 114 -6.45 19.09 2.38
C LEU B 114 -7.26 20.01 3.27
N LYS B 115 -6.96 21.32 3.24
CA LYS B 115 -7.70 22.25 4.07
C LYS B 115 -9.16 22.36 3.64
N LYS B 116 -9.43 22.39 2.34
CA LYS B 116 -10.80 22.43 1.85
C LYS B 116 -11.56 21.16 2.24
N ILE B 117 -10.89 20.00 2.14
CA ILE B 117 -11.54 18.74 2.49
C ILE B 117 -11.82 18.69 3.98
N GLU B 118 -10.90 19.18 4.80
CA GLU B 118 -11.15 19.26 6.24
C GLU B 118 -12.32 20.20 6.55
N THR B 119 -12.41 21.32 5.82
CA THR B 119 -13.53 22.24 6.02
C THR B 119 -14.85 21.57 5.67
N VAL B 120 -14.89 20.84 4.56
CA VAL B 120 -16.12 20.14 4.17
C VAL B 120 -16.47 19.08 5.21
N GLY B 121 -15.47 18.37 5.71
CA GLY B 121 -15.72 17.38 6.75
C GLY B 121 -16.29 18.00 8.01
N ARG B 122 -15.72 19.12 8.45
CA ARG B 122 -16.25 19.82 9.61
C ARG B 122 -17.68 20.31 9.37
N TYR B 123 -17.96 20.78 8.15
CA TYR B 123 -19.31 21.16 7.78
C TYR B 123 -20.28 19.99 7.94
N LEU B 124 -19.90 18.82 7.42
CA LEU B 124 -20.77 17.66 7.53
C LEU B 124 -20.97 17.24 8.98
N ILE B 125 -19.90 17.28 9.77
CA ILE B 125 -19.99 16.87 11.17
C ILE B 125 -20.86 17.84 11.94
N GLU B 126 -20.79 19.13 11.61
CA GLU B 126 -21.66 20.11 12.24
C GLU B 126 -23.12 19.88 11.86
N ILE B 127 -23.38 19.53 10.59
CA ILE B 127 -24.73 19.17 10.19
C ILE B 127 -25.24 18.01 11.04
N TRP B 128 -24.42 16.99 11.20
CA TRP B 128 -24.82 15.82 11.97
C TRP B 128 -25.06 16.18 13.43
N LYS B 129 -24.18 16.98 14.01
CA LYS B 129 -24.36 17.41 15.40
C LYS B 129 -25.67 18.18 15.56
N ALA B 130 -26.03 18.98 14.56
CA ALA B 130 -27.30 19.70 14.61
C ALA B 130 -28.47 18.74 14.52
N VAL B 131 -28.40 17.76 13.63
CA VAL B 131 -29.58 16.93 13.37
C VAL B 131 -29.80 15.93 14.51
N GLY B 132 -28.75 15.57 15.25
CA GLY B 132 -29.03 14.72 16.39
C GLY B 132 -28.05 13.64 16.80
N MET B 133 -26.90 13.53 16.13
CA MET B 133 -25.85 12.63 16.59
C MET B 133 -25.54 12.90 18.05
N ASP B 134 -25.52 11.83 18.86
CA ASP B 134 -25.24 11.95 20.30
C ASP B 134 -23.73 12.02 20.53
N VAL B 135 -23.14 13.07 19.95
CA VAL B 135 -21.71 13.29 20.11
C VAL B 135 -21.39 13.65 21.56
N GLU B 136 -22.27 14.41 22.21
CA GLU B 136 -22.04 14.81 23.59
C GLU B 136 -22.05 13.64 24.56
N GLY B 137 -22.62 12.49 24.15
CA GLY B 137 -22.66 11.35 25.04
C GLY B 137 -21.30 10.71 25.25
N GLY B 138 -20.35 10.99 24.36
CA GLY B 138 -19.02 10.43 24.47
C GLY B 138 -18.86 9.05 23.89
N LYS B 139 -19.93 8.43 23.39
CA LYS B 139 -19.85 7.11 22.79
C LYS B 139 -19.58 7.16 21.29
N VAL B 140 -19.44 8.35 20.71
CA VAL B 140 -19.16 8.51 19.29
C VAL B 140 -17.83 9.24 19.14
N GLU B 141 -16.91 8.66 18.38
CA GLU B 141 -15.62 9.26 18.11
C GLU B 141 -15.49 9.48 16.62
N PHE B 142 -15.00 10.66 16.24
CA PHE B 142 -14.86 11.03 14.83
C PHE B 142 -13.38 11.02 14.49
N LEU B 143 -12.92 9.93 13.88
CA LEU B 143 -11.50 9.73 13.62
C LEU B 143 -11.17 10.10 12.19
N TRP B 144 -10.26 11.05 12.02
CA TRP B 144 -9.78 11.46 10.71
C TRP B 144 -8.73 10.47 10.21
N SER B 145 -8.84 10.11 8.93
CA SER B 145 -7.93 9.12 8.37
C SER B 145 -6.49 9.62 8.39
N SER B 146 -6.27 10.87 7.97
CA SER B 146 -4.90 11.36 7.87
C SER B 146 -4.24 11.42 9.24
N LYS B 147 -4.93 12.02 10.21
CA LYS B 147 -4.31 12.21 11.53
C LYS B 147 -4.06 10.87 12.21
N GLU B 148 -5.04 9.97 12.16
CA GLU B 148 -4.88 8.68 12.82
C GLU B 148 -3.78 7.85 12.15
N ILE B 149 -3.74 7.86 10.81
CA ILE B 149 -2.72 7.11 10.09
C ILE B 149 -1.34 7.66 10.40
N ASN B 150 -1.19 8.99 10.37
CA ASN B 150 0.12 9.58 10.59
C ASN B 150 0.51 9.49 12.06
N ALA B 151 -0.46 9.23 12.94
CA ALA B 151 -0.12 8.97 14.33
C ALA B 151 0.39 7.54 14.50
N ARG B 152 -0.38 6.55 14.06
CA ARG B 152 0.01 5.14 14.15
C ARG B 152 -0.16 4.47 12.79
N ALA B 153 0.83 4.65 11.92
CA ALA B 153 0.96 3.90 10.68
C ALA B 153 1.78 2.62 10.83
N ASP B 154 2.63 2.54 11.86
CA ASP B 154 3.43 1.33 12.05
C ASP B 154 2.55 0.14 12.43
N GLU B 155 1.33 0.42 12.90
CA GLU B 155 0.34 -0.62 13.19
C GLU B 155 -0.71 -0.74 12.11
N TYR B 156 -0.61 0.04 11.04
CA TYR B 156 -1.62 0.11 10.00
C TYR B 156 -1.12 -0.35 8.64
N TRP B 157 0.00 0.20 8.17
CA TRP B 157 0.53 -0.14 6.86
C TRP B 157 1.08 -1.57 6.82
N PRO B 158 1.70 -2.08 7.90
CA PRO B 158 1.95 -3.52 7.94
C PRO B 158 0.68 -4.34 7.79
N LEU B 159 -0.43 -3.88 8.36
CA LEU B 159 -1.70 -4.59 8.19
C LEU B 159 -2.18 -4.56 6.75
N VAL B 160 -2.04 -3.43 6.07
CA VAL B 160 -2.42 -3.35 4.67
C VAL B 160 -1.54 -4.24 3.80
N LEU B 161 -0.23 -4.28 4.08
CA LEU B 161 0.61 -5.22 3.37
C LEU B 161 0.26 -6.67 3.69
N ASP B 162 -0.14 -6.97 4.93
CA ASP B 162 -0.52 -8.32 5.28
C ASP B 162 -1.77 -8.77 4.53
N ILE B 163 -2.78 -7.90 4.44
CA ILE B 163 -3.98 -8.24 3.67
C ILE B 163 -3.64 -8.37 2.19
N ALA B 164 -2.80 -7.47 1.67
CA ALA B 164 -2.43 -7.56 0.26
C ALA B 164 -1.69 -8.86 -0.04
N GLN B 165 -0.87 -9.33 0.91
CA GLN B 165 -0.14 -10.57 0.70
C GLN B 165 -1.04 -11.79 0.85
N LYS B 166 -1.95 -11.77 1.83
CA LYS B 166 -2.78 -12.93 2.10
C LYS B 166 -3.90 -13.11 1.08
N ASN B 167 -4.34 -12.04 0.41
CA ASN B 167 -5.38 -12.16 -0.60
C ASN B 167 -4.82 -11.87 -1.97
N ASN B 168 -5.28 -12.62 -2.96
CA ASN B 168 -4.70 -12.60 -4.29
C ASN B 168 -5.24 -11.43 -5.13
N LEU B 169 -4.58 -11.22 -6.27
CA LEU B 169 -4.91 -10.08 -7.12
C LEU B 169 -6.32 -10.19 -7.68
N LYS B 170 -6.73 -11.39 -8.08
CA LYS B 170 -8.07 -11.55 -8.64
C LYS B 170 -9.13 -11.21 -7.60
N ARG B 171 -8.95 -11.66 -6.37
CA ARG B 171 -9.91 -11.36 -5.31
C ARG B 171 -9.92 -9.87 -5.01
N ILE B 172 -8.75 -9.23 -4.97
CA ILE B 172 -8.71 -7.79 -4.67
C ILE B 172 -9.36 -6.98 -5.79
N ILE B 173 -9.11 -7.36 -7.04
CA ILE B 173 -9.76 -6.67 -8.16
C ILE B 173 -11.26 -6.87 -8.11
N ARG B 174 -11.71 -8.08 -7.75
CA ARG B 174 -13.14 -8.31 -7.62
C ARG B 174 -13.75 -7.43 -6.54
N CYS B 175 -12.97 -7.10 -5.50
CA CYS B 175 -13.49 -6.16 -4.45
C CYS B 175 -13.62 -4.73 -4.96
N SER B 176 -13.01 -4.39 -6.10
CA SER B 176 -13.02 -2.98 -6.59
C SER B 176 -13.96 -2.82 -7.79
N GLN B 177 -14.71 -3.87 -8.15
CA GLN B 177 -15.69 -3.79 -9.26
C GLN B 177 -16.80 -2.79 -8.93
N ILE B 178 -17.22 -2.71 -7.67
CA ILE B 178 -18.36 -1.83 -7.24
C ILE B 178 -18.04 -0.36 -7.55
N MET B 179 -16.78 0.04 -7.42
CA MET B 179 -16.37 1.44 -7.71
C MET B 179 -16.67 1.72 -9.19
N GLY B 180 -16.70 0.67 -10.02
CA GLY B 180 -16.89 0.87 -11.47
C GLY B 180 -15.59 0.61 -12.21
N ARG B 181 -14.54 0.23 -11.48
CA ARG B 181 -13.25 -0.13 -12.13
C ARG B 181 -13.12 -1.65 -12.15
N SER B 182 -13.07 -2.26 -13.33
CA SER B 182 -12.95 -3.74 -13.48
C SER B 182 -12.96 -4.09 -14.97
N GLU B 183 -13.89 -4.95 -15.40
CA GLU B 183 -14.00 -5.22 -16.85
C GLU B 183 -14.38 -3.90 -17.51
N GLN B 184 -15.26 -3.13 -16.86
CA GLN B 184 -15.71 -1.84 -17.42
C GLN B 184 -14.56 -0.82 -17.52
N ASP B 185 -13.69 -0.71 -16.51
CA ASP B 185 -12.65 0.37 -16.56
C ASP B 185 -11.24 -0.13 -16.22
N GLU B 186 -10.22 0.44 -16.86
CA GLU B 186 -8.80 0.09 -16.56
C GLU B 186 -8.49 0.53 -15.14
N LEU B 187 -7.76 -0.28 -14.37
CA LEU B 187 -7.54 0.05 -12.94
C LEU B 187 -6.16 0.67 -12.73
N THR B 188 -6.05 1.65 -11.84
CA THR B 188 -4.73 2.22 -11.46
C THR B 188 -4.38 1.57 -10.13
N ALA B 189 -3.26 0.87 -10.02
CA ALA B 189 -2.85 0.20 -8.78
C ALA B 189 -3.44 0.87 -7.55
N ALA B 190 -3.52 2.19 -7.52
CA ALA B 190 -4.17 2.84 -6.37
C ALA B 190 -5.44 2.07 -6.01
N GLN B 191 -6.09 1.42 -6.99
CA GLN B 191 -7.38 0.72 -6.77
C GLN B 191 -7.10 -0.66 -6.19
N ILE B 192 -5.83 -1.03 -6.00
CA ILE B 192 -5.47 -2.30 -5.32
C ILE B 192 -4.99 -1.86 -3.94
N PHE B 193 -4.59 -0.59 -3.79
CA PHE B 193 -4.34 -0.12 -2.43
C PHE B 193 -5.62 0.34 -1.73
N TYR B 194 -6.61 0.86 -2.47
CA TYR B 194 -7.83 1.32 -1.82
C TYR B 194 -8.59 0.20 -1.12
N PRO B 195 -8.94 -0.92 -1.78
CA PRO B 195 -9.64 -1.98 -1.04
C PRO B 195 -8.84 -2.53 0.11
N CYS B 196 -7.52 -2.63 -0.04
CA CYS B 196 -6.69 -3.13 1.06
C CYS B 196 -6.71 -2.18 2.24
N MET B 197 -6.62 -0.87 1.99
CA MET B 197 -6.68 0.08 3.10
C MET B 197 -8.07 0.06 3.76
N GLN B 198 -9.14 0.00 2.97
CA GLN B 198 -10.46 -0.01 3.57
C GLN B 198 -10.70 -1.28 4.37
N CYS B 199 -10.18 -2.42 3.91
CA CYS B 199 -10.29 -3.65 4.67
C CYS B 199 -9.44 -3.61 5.93
N ALA B 200 -8.27 -2.99 5.88
CA ALA B 200 -7.42 -2.90 7.06
C ALA B 200 -7.89 -1.85 8.05
N ASP B 201 -8.74 -0.92 7.62
CA ASP B 201 -9.29 0.06 8.55
C ASP B 201 -10.08 -0.61 9.66
N ILE B 202 -10.83 -1.66 9.32
CA ILE B 202 -11.67 -2.33 10.30
C ILE B 202 -10.83 -2.90 11.43
N PHE B 203 -9.73 -3.58 11.08
CA PHE B 203 -8.86 -4.17 12.08
C PHE B 203 -7.97 -3.14 12.76
N PHE B 204 -7.63 -2.04 12.08
CA PHE B 204 -6.90 -0.96 12.73
C PHE B 204 -7.73 -0.33 13.83
N LEU B 205 -9.02 -0.11 13.57
CA LEU B 205 -9.94 0.41 14.57
C LEU B 205 -10.42 -0.67 15.52
N LYS B 206 -9.97 -1.92 15.34
CA LYS B 206 -10.40 -3.05 16.15
C LYS B 206 -11.91 -3.21 16.12
N ALA B 207 -12.52 -2.89 14.98
CA ALA B 207 -13.97 -2.88 14.88
C ALA B 207 -14.53 -4.28 14.97
N ASP B 208 -15.48 -4.47 15.88
CA ASP B 208 -16.18 -5.75 16.00
C ASP B 208 -17.42 -5.81 15.13
N ILE B 209 -17.94 -4.67 14.69
CA ILE B 209 -19.12 -4.59 13.84
C ILE B 209 -18.78 -3.67 12.67
N CYS B 210 -19.40 -3.95 11.52
CA CYS B 210 -19.29 -3.09 10.35
C CYS B 210 -20.69 -2.78 9.87
N GLN B 211 -21.00 -1.50 9.73
CA GLN B 211 -22.26 -1.05 9.18
C GLN B 211 -22.09 -0.21 7.92
N LEU B 212 -21.07 -0.52 7.12
CA LEU B 212 -20.88 0.16 5.85
C LEU B 212 -22.04 -0.12 4.91
N GLY B 213 -22.23 0.74 3.93
CA GLY B 213 -23.28 0.56 2.96
C GLY B 213 -23.04 -0.64 2.07
N MET B 214 -24.04 -0.92 1.22
CA MET B 214 -23.95 -2.07 0.32
C MET B 214 -22.81 -1.92 -0.68
N ASP B 215 -22.30 -0.70 -0.88
CA ASP B 215 -21.18 -0.51 -1.80
C ASP B 215 -19.93 -1.24 -1.31
N GLN B 216 -19.66 -1.18 0.00
CA GLN B 216 -18.45 -1.76 0.57
C GLN B 216 -18.71 -3.07 1.31
N ARG B 217 -19.84 -3.73 1.01
CA ARG B 217 -20.06 -5.08 1.51
C ARG B 217 -19.00 -6.03 0.99
N LYS B 218 -18.47 -5.75 -0.21
CA LYS B 218 -17.37 -6.55 -0.72
C LYS B 218 -16.14 -6.45 0.19
N VAL B 219 -15.81 -5.22 0.63
CA VAL B 219 -14.70 -5.04 1.55
C VAL B 219 -15.01 -5.67 2.90
N ASN B 220 -16.27 -5.64 3.33
CA ASN B 220 -16.63 -6.32 4.58
C ASN B 220 -16.40 -7.82 4.48
N VAL B 221 -16.80 -8.42 3.36
CA VAL B 221 -16.58 -9.86 3.17
C VAL B 221 -15.09 -10.16 3.08
N LEU B 222 -14.33 -9.26 2.45
CA LEU B 222 -12.87 -9.43 2.37
C LEU B 222 -12.26 -9.41 3.77
N ALA B 223 -12.72 -8.50 4.62
CA ALA B 223 -12.25 -8.46 6.00
C ALA B 223 -12.64 -9.74 6.74
N ARG B 224 -13.83 -10.26 6.47
CA ARG B 224 -14.25 -11.51 7.11
C ARG B 224 -13.32 -12.66 6.73
N GLU B 225 -13.00 -12.78 5.44
CA GLU B 225 -12.14 -13.88 5.02
C GLU B 225 -10.70 -13.68 5.49
N TYR B 226 -10.24 -12.44 5.60
CA TYR B 226 -8.94 -12.19 6.22
C TYR B 226 -8.95 -12.60 7.69
N CYS B 227 -10.04 -12.32 8.39
CA CYS B 227 -10.16 -12.73 9.78
C CYS B 227 -10.13 -14.24 9.90
N ASP B 228 -10.74 -14.94 8.94
CA ASP B 228 -10.61 -16.39 8.88
C ASP B 228 -9.15 -16.80 8.65
N ASP B 229 -8.46 -16.09 7.76
CA ASP B 229 -7.08 -16.43 7.43
C ASP B 229 -6.16 -16.28 8.64
N ILE B 230 -6.35 -15.24 9.44
CA ILE B 230 -5.40 -14.91 10.50
C ILE B 230 -5.83 -15.65 11.77
N LYS B 231 -6.87 -16.48 11.65
CA LYS B 231 -7.34 -17.34 12.75
C LYS B 231 -7.73 -16.50 13.97
N ARG B 232 -8.76 -15.68 13.79
CA ARG B 232 -9.39 -14.93 14.86
C ARG B 232 -10.79 -15.48 15.07
N LYS B 233 -11.15 -15.75 16.33
CA LYS B 233 -12.44 -16.33 16.66
C LYS B 233 -13.56 -15.31 16.67
N ASN B 234 -13.25 -14.01 16.64
CA ASN B 234 -14.24 -12.94 16.67
C ASN B 234 -14.24 -12.25 15.31
N LYS B 235 -15.02 -12.78 14.37
CA LYS B 235 -15.13 -12.16 13.07
C LYS B 235 -15.92 -10.86 13.17
N PRO B 236 -15.61 -9.87 12.32
CA PRO B 236 -16.35 -8.60 12.37
C PRO B 236 -17.75 -8.75 11.77
N ILE B 237 -18.76 -8.41 12.57
CA ILE B 237 -20.14 -8.54 12.12
C ILE B 237 -20.42 -7.48 11.06
N ILE B 238 -21.28 -7.82 10.09
CA ILE B 238 -21.65 -6.92 9.01
C ILE B 238 -23.10 -6.50 9.23
N LEU B 239 -23.37 -5.18 9.14
CA LEU B 239 -24.69 -4.61 9.38
C LEU B 239 -25.00 -3.62 8.26
N SER B 240 -24.80 -4.05 7.02
CA SER B 240 -24.93 -3.15 5.88
C SER B 240 -26.26 -2.43 5.88
N HIS B 241 -26.20 -1.10 5.85
CA HIS B 241 -27.40 -0.27 5.79
C HIS B 241 -28.09 -0.44 4.45
N HIS B 242 -29.42 -0.39 4.48
CA HIS B 242 -30.18 -0.52 3.24
C HIS B 242 -29.97 0.72 2.38
N MET B 243 -29.60 0.50 1.12
CA MET B 243 -29.32 1.59 0.19
C MET B 243 -30.64 2.24 -0.21
N LEU B 244 -30.81 3.49 0.18
CA LEU B 244 -32.03 4.22 -0.14
C LEU B 244 -32.12 4.45 -1.64
N PRO B 245 -33.22 4.05 -2.28
CA PRO B 245 -33.39 4.36 -3.70
C PRO B 245 -33.63 5.84 -3.91
N GLY B 246 -33.26 6.31 -5.10
CA GLY B 246 -33.44 7.71 -5.41
C GLY B 246 -34.91 8.09 -5.48
N LEU B 247 -35.17 9.38 -5.26
CA LEU B 247 -36.54 9.88 -5.30
C LEU B 247 -37.16 9.77 -6.69
N GLN B 248 -36.36 9.77 -7.74
CA GLN B 248 -36.88 9.56 -9.09
C GLN B 248 -37.02 8.07 -9.37
N GLN B 249 -37.88 7.75 -10.33
CA GLN B 249 -38.17 6.36 -10.65
C GLN B 249 -36.94 5.67 -11.23
N GLY B 250 -36.70 4.44 -10.78
CA GLY B 250 -35.67 3.59 -11.32
C GLY B 250 -34.31 3.73 -10.67
N GLN B 251 -34.09 4.79 -9.88
CA GLN B 251 -32.79 5.00 -9.26
C GLN B 251 -32.64 4.13 -8.01
N GLU B 252 -32.25 2.87 -8.19
CA GLU B 252 -32.08 1.98 -7.05
C GLU B 252 -30.90 2.40 -6.19
N LYS B 253 -29.93 3.07 -6.78
CA LYS B 253 -28.74 3.50 -6.06
C LYS B 253 -28.89 4.97 -5.67
N MET B 254 -28.57 5.28 -4.41
CA MET B 254 -28.64 6.64 -3.92
C MET B 254 -27.56 7.49 -4.56
N SER B 255 -27.96 8.54 -5.26
CA SER B 255 -27.03 9.40 -6.01
C SER B 255 -26.90 10.73 -5.29
N LYS B 256 -25.71 11.01 -4.76
CA LYS B 256 -25.42 12.28 -4.12
C LYS B 256 -24.78 13.29 -5.07
N SER B 257 -24.54 12.91 -6.32
CA SER B 257 -23.95 13.82 -7.29
C SER B 257 -24.99 14.51 -8.17
N ASP B 258 -26.23 14.03 -8.17
CA ASP B 258 -27.30 14.64 -8.95
C ASP B 258 -28.29 15.31 -8.01
N PRO B 259 -28.32 16.64 -7.96
CA PRO B 259 -29.23 17.35 -7.04
C PRO B 259 -30.68 17.41 -7.54
N SER B 260 -31.17 16.28 -8.05
CA SER B 260 -32.55 16.16 -8.46
C SER B 260 -33.19 14.85 -8.03
N SER B 261 -32.39 13.86 -7.60
CA SER B 261 -32.90 12.56 -7.23
C SER B 261 -32.58 12.21 -5.78
N SER B 262 -32.28 13.22 -4.95
CA SER B 262 -31.94 12.98 -3.56
C SER B 262 -32.14 14.26 -2.78
N VAL B 263 -32.84 14.16 -1.65
CA VAL B 263 -33.00 15.29 -0.75
C VAL B 263 -31.69 15.52 -0.01
N PHE B 264 -31.20 16.75 0.00
CA PHE B 264 -29.99 17.11 0.70
C PHE B 264 -30.35 17.94 1.93
N MET B 265 -29.68 17.66 3.04
CA MET B 265 -30.05 18.30 4.31
C MET B 265 -29.79 19.80 4.30
N GLU B 266 -28.99 20.30 3.36
CA GLU B 266 -28.74 21.73 3.22
C GLU B 266 -29.80 22.44 2.39
N ASP B 267 -30.77 21.71 1.85
CA ASP B 267 -31.79 22.33 1.01
C ASP B 267 -32.78 23.15 1.84
N GLU B 268 -33.39 24.12 1.18
CA GLU B 268 -34.39 24.97 1.81
C GLU B 268 -35.71 24.20 1.96
N GLU B 269 -36.63 24.79 2.72
CA GLU B 269 -37.92 24.15 2.93
C GLU B 269 -38.69 24.01 1.62
N ALA B 270 -38.73 25.08 0.82
CA ALA B 270 -39.43 25.02 -0.46
C ALA B 270 -38.77 24.02 -1.41
N GLU B 271 -37.43 23.99 -1.43
CA GLU B 271 -36.74 23.05 -2.29
C GLU B 271 -37.02 21.61 -1.89
N VAL B 272 -37.03 21.33 -0.57
CA VAL B 272 -37.35 19.99 -0.09
C VAL B 272 -38.77 19.62 -0.47
N ASN B 273 -39.72 20.55 -0.31
CA ASN B 273 -41.10 20.28 -0.70
C ASN B 273 -41.20 19.97 -2.18
N VAL B 274 -40.49 20.74 -3.02
CA VAL B 274 -40.53 20.51 -4.46
C VAL B 274 -39.94 19.14 -4.80
N LYS B 275 -38.81 18.80 -4.17
CA LYS B 275 -38.17 17.51 -4.46
C LYS B 275 -39.09 16.35 -4.06
N ILE B 276 -39.70 16.43 -2.88
CA ILE B 276 -40.59 15.35 -2.46
C ILE B 276 -41.82 15.28 -3.34
N LYS B 277 -42.38 16.43 -3.73
CA LYS B 277 -43.53 16.43 -4.62
C LYS B 277 -43.18 15.86 -5.99
N LYS B 278 -41.95 16.01 -6.43
CA LYS B 278 -41.51 15.44 -7.70
C LYS B 278 -40.93 14.04 -7.54
N ALA B 279 -40.87 13.51 -6.32
CA ALA B 279 -40.35 12.16 -6.10
C ALA B 279 -41.30 11.11 -6.67
N TYR B 280 -40.72 9.99 -7.08
CA TYR B 280 -41.50 8.87 -7.59
C TYR B 280 -42.29 8.21 -6.46
N CYS B 281 -43.55 7.88 -6.73
CA CYS B 281 -44.42 7.21 -5.76
C CYS B 281 -45.53 6.49 -6.51
N PRO B 282 -45.31 5.22 -6.86
CA PRO B 282 -46.35 4.46 -7.55
C PRO B 282 -47.50 4.14 -6.62
N PRO B 283 -48.74 4.35 -7.07
CA PRO B 283 -49.88 4.05 -6.21
C PRO B 283 -50.09 2.55 -6.04
N LYS B 284 -50.44 2.17 -4.81
CA LYS B 284 -50.73 0.78 -4.45
C LYS B 284 -49.54 -0.14 -4.70
N VAL B 285 -48.34 0.44 -4.82
CA VAL B 285 -47.11 -0.33 -4.98
C VAL B 285 -46.17 0.03 -3.83
N VAL B 286 -45.71 -0.99 -3.10
CA VAL B 286 -44.85 -0.78 -1.95
C VAL B 286 -43.41 -1.18 -2.25
N GLU B 287 -43.21 -2.15 -3.13
CA GLU B 287 -41.85 -2.54 -3.50
C GLU B 287 -41.31 -1.57 -4.54
N GLY B 288 -40.16 -0.96 -4.23
CA GLY B 288 -39.62 0.05 -5.11
C GLY B 288 -40.27 1.41 -5.01
N ASN B 289 -40.92 1.71 -3.89
CA ASN B 289 -41.55 3.01 -3.70
C ASN B 289 -40.59 3.91 -2.94
N PRO B 290 -39.99 4.91 -3.59
CA PRO B 290 -39.05 5.78 -2.86
C PRO B 290 -39.68 6.48 -1.68
N CYS B 291 -40.91 6.96 -1.81
CA CYS B 291 -41.54 7.66 -0.68
C CYS B 291 -41.80 6.72 0.48
N LEU B 292 -42.33 5.52 0.21
CA LEU B 292 -42.58 4.58 1.29
C LEU B 292 -41.30 4.16 1.97
N GLU B 293 -40.24 3.91 1.21
CA GLU B 293 -38.97 3.53 1.81
C GLU B 293 -38.37 4.69 2.61
N TYR B 294 -38.49 5.91 2.08
CA TYR B 294 -38.09 7.09 2.84
C TYR B 294 -38.81 7.13 4.18
N ILE B 295 -40.12 6.93 4.18
CA ILE B 295 -40.87 6.92 5.43
C ILE B 295 -40.32 5.84 6.35
N LYS B 296 -40.21 4.61 5.83
CA LYS B 296 -39.87 3.45 6.64
C LYS B 296 -38.54 3.63 7.35
N TYR B 297 -37.52 4.11 6.64
CA TYR B 297 -36.20 4.17 7.25
C TYR B 297 -35.76 5.57 7.70
N LEU B 298 -36.61 6.60 7.54
CA LEU B 298 -36.27 7.92 8.03
C LEU B 298 -37.30 8.43 9.03
N ILE B 299 -38.58 8.40 8.69
CA ILE B 299 -39.58 9.13 9.45
C ILE B 299 -40.03 8.31 10.65
N LEU B 300 -40.44 7.07 10.41
CA LEU B 300 -40.90 6.16 11.46
C LEU B 300 -39.82 5.92 12.52
N PRO B 301 -38.57 5.62 12.16
CA PRO B 301 -37.57 5.38 13.23
C PRO B 301 -37.29 6.59 14.09
N TRP B 302 -37.64 7.80 13.63
CA TRP B 302 -37.35 8.99 14.42
C TRP B 302 -38.48 9.28 15.42
N PHE B 303 -39.70 9.46 14.92
CA PHE B 303 -40.83 9.84 15.76
C PHE B 303 -41.66 8.68 16.27
N ASN B 304 -41.31 7.44 15.92
CA ASN B 304 -42.10 6.25 16.28
C ASN B 304 -43.53 6.36 15.78
N GLU B 305 -43.76 7.16 14.75
CA GLU B 305 -45.09 7.41 14.21
C GLU B 305 -44.96 8.14 12.89
N PHE B 306 -46.06 8.21 12.15
CA PHE B 306 -46.15 8.97 10.92
C PHE B 306 -47.56 9.58 10.85
N THR B 307 -47.68 10.82 11.34
CA THR B 307 -48.97 11.49 11.35
C THR B 307 -49.26 12.12 9.99
N VAL B 308 -50.43 11.81 9.44
CA VAL B 308 -50.88 12.36 8.17
C VAL B 308 -52.24 13.03 8.38
N GLU B 309 -52.37 14.25 7.87
CA GLU B 309 -53.63 14.99 7.94
C GLU B 309 -54.29 14.96 6.57
N ARG B 310 -55.53 14.49 6.52
CA ARG B 310 -56.26 14.33 5.27
C ARG B 310 -57.64 14.97 5.39
N SER B 311 -58.27 15.16 4.24
CA SER B 311 -59.61 15.74 4.22
C SER B 311 -60.62 14.75 4.80
N ALA B 312 -61.77 15.29 5.21
CA ALA B 312 -62.83 14.45 5.78
C ALA B 312 -63.30 13.41 4.78
N ASP B 313 -63.32 13.74 3.49
CA ASP B 313 -63.69 12.76 2.48
C ASP B 313 -62.59 11.71 2.30
N ASN B 314 -61.36 12.04 2.66
CA ASN B 314 -60.22 11.15 2.52
C ASN B 314 -59.80 10.51 3.83
N GLY B 315 -60.75 10.26 4.73
CA GLY B 315 -60.48 9.61 5.99
C GLY B 315 -60.10 10.54 7.13
N GLY B 316 -59.91 11.82 6.86
CA GLY B 316 -59.60 12.75 7.93
C GLY B 316 -58.19 12.55 8.50
N ASN B 317 -57.97 13.16 9.65
CA ASN B 317 -56.68 13.06 10.32
C ASN B 317 -56.49 11.66 10.90
N LYS B 318 -55.36 11.04 10.60
CA LYS B 318 -55.06 9.71 11.09
C LYS B 318 -53.56 9.59 11.33
N THR B 319 -53.19 8.85 12.37
CA THR B 319 -51.80 8.68 12.77
C THR B 319 -51.42 7.22 12.61
N PHE B 320 -50.30 6.96 11.94
CA PHE B 320 -49.81 5.62 11.69
C PHE B 320 -48.61 5.36 12.60
N LYS B 321 -48.77 4.42 13.52
CA LYS B 321 -47.74 4.12 14.51
C LYS B 321 -46.75 3.07 14.05
N SER B 322 -47.00 2.39 12.93
CA SER B 322 -46.12 1.31 12.51
C SER B 322 -46.15 1.13 11.01
N TYR B 323 -45.03 0.64 10.46
CA TYR B 323 -44.95 0.35 9.04
C TYR B 323 -45.93 -0.72 8.63
N GLU B 324 -46.33 -1.60 9.55
CA GLU B 324 -47.30 -2.64 9.21
C GLU B 324 -48.64 -2.03 8.82
N GLU B 325 -49.20 -1.17 9.67
CA GLU B 325 -50.46 -0.54 9.33
C GLU B 325 -50.27 0.46 8.18
N LEU B 326 -49.10 1.10 8.11
CA LEU B 326 -48.81 1.97 6.97
C LEU B 326 -48.95 1.22 5.65
N ILE B 327 -48.26 0.10 5.52
CA ILE B 327 -48.29 -0.66 4.27
C ILE B 327 -49.67 -1.29 4.04
N ALA B 328 -50.34 -1.72 5.11
CA ALA B 328 -51.68 -2.28 4.95
C ALA B 328 -52.64 -1.26 4.38
N ASP B 329 -52.68 -0.05 4.97
CA ASP B 329 -53.55 1.00 4.47
C ASP B 329 -53.16 1.44 3.06
N TYR B 330 -51.85 1.54 2.79
CA TYR B 330 -51.43 2.00 1.47
C TYR B 330 -51.82 1.00 0.40
N GLU B 331 -51.68 -0.31 0.68
CA GLU B 331 -52.14 -1.32 -0.25
C GLU B 331 -53.65 -1.29 -0.41
N SER B 332 -54.38 -1.12 0.70
CA SER B 332 -55.84 -1.04 0.62
C SER B 332 -56.31 0.20 -0.10
N GLY B 333 -55.45 1.21 -0.26
CA GLY B 333 -55.83 2.45 -0.91
C GLY B 333 -56.39 3.51 0.01
N GLU B 334 -56.50 3.23 1.32
CA GLU B 334 -56.98 4.24 2.24
C GLU B 334 -56.04 5.43 2.33
N LEU B 335 -54.74 5.21 2.14
CA LEU B 335 -53.74 6.26 2.14
C LEU B 335 -53.36 6.56 0.69
N HIS B 336 -53.53 7.80 0.28
CA HIS B 336 -53.33 8.19 -1.11
C HIS B 336 -52.16 9.17 -1.21
N PRO B 337 -51.41 9.16 -2.32
CA PRO B 337 -50.23 10.02 -2.41
C PRO B 337 -50.51 11.51 -2.19
N ALA B 338 -51.70 11.99 -2.58
CA ALA B 338 -52.04 13.40 -2.41
C ALA B 338 -51.94 13.80 -0.94
N ASP B 339 -52.26 12.89 -0.03
CA ASP B 339 -52.11 13.17 1.39
C ASP B 339 -50.79 12.67 1.94
N LEU B 340 -50.19 11.66 1.29
CA LEU B 340 -48.95 11.09 1.78
C LEU B 340 -47.77 12.04 1.62
N LYS B 341 -47.60 12.62 0.43
CA LYS B 341 -46.43 13.45 0.18
C LYS B 341 -46.39 14.72 1.03
N PRO B 342 -47.48 15.48 1.22
CA PRO B 342 -47.42 16.62 2.14
C PRO B 342 -46.96 16.23 3.54
N ALA B 343 -47.45 15.11 4.04
CA ALA B 343 -47.06 14.66 5.38
C ALA B 343 -45.58 14.30 5.44
N LEU B 344 -45.08 13.59 4.43
CA LEU B 344 -43.66 13.25 4.39
C LEU B 344 -42.81 14.50 4.28
N SER B 345 -43.23 15.47 3.46
CA SER B 345 -42.48 16.71 3.32
C SER B 345 -42.44 17.47 4.63
N LYS B 346 -43.57 17.54 5.34
CA LYS B 346 -43.61 18.25 6.61
C LYS B 346 -42.74 17.55 7.64
N SER B 347 -42.77 16.21 7.68
CA SER B 347 -41.93 15.49 8.63
C SER B 347 -40.45 15.68 8.32
N LEU B 348 -40.08 15.65 7.04
CA LEU B 348 -38.70 15.87 6.67
C LEU B 348 -38.25 17.29 7.01
N ASN B 349 -39.14 18.27 6.81
CA ASN B 349 -38.82 19.64 7.20
C ASN B 349 -38.67 19.75 8.70
N LYS B 350 -39.50 19.04 9.47
CA LYS B 350 -39.36 19.05 10.92
C LYS B 350 -38.02 18.46 11.34
N ILE B 351 -37.58 17.40 10.66
CA ILE B 351 -36.28 16.80 10.98
C ILE B 351 -35.15 17.75 10.60
N LEU B 352 -35.26 18.42 9.45
CA LEU B 352 -34.19 19.27 8.96
C LEU B 352 -34.16 20.64 9.63
N GLU B 353 -35.23 21.04 10.29
CA GLU B 353 -35.26 22.36 10.91
C GLU B 353 -34.16 22.59 11.92
N PRO B 354 -33.80 21.65 12.81
CA PRO B 354 -32.66 21.90 13.69
C PRO B 354 -31.38 22.25 12.94
N VAL B 355 -31.11 21.59 11.80
CA VAL B 355 -29.89 21.87 11.06
C VAL B 355 -29.90 23.31 10.52
N ARG B 356 -31.01 23.71 9.88
CA ARG B 356 -31.09 25.06 9.34
C ARG B 356 -31.02 26.10 10.44
N GLU B 357 -31.72 25.86 11.55
CA GLU B 357 -31.69 26.80 12.67
C GLU B 357 -30.29 26.92 13.26
N HIS B 358 -29.60 25.79 13.43
CA HIS B 358 -28.24 25.81 13.96
C HIS B 358 -27.30 26.57 13.03
N PHE B 359 -27.40 26.33 11.72
CA PHE B 359 -26.50 27.02 10.79
C PHE B 359 -26.86 28.48 10.60
N ARG B 360 -28.12 28.87 10.83
CA ARG B 360 -28.46 30.28 10.82
C ARG B 360 -28.02 30.99 12.09
N LYS B 361 -28.03 30.29 13.23
CA LYS B 361 -27.75 30.93 14.51
C LYS B 361 -26.26 30.96 14.83
N ASP B 362 -25.56 29.84 14.71
CA ASP B 362 -24.15 29.80 15.06
C ASP B 362 -23.33 30.50 13.98
N SER B 363 -22.51 31.47 14.41
CA SER B 363 -21.66 32.19 13.47
C SER B 363 -20.64 31.25 12.82
N ASN B 364 -20.07 30.34 13.62
CA ASN B 364 -19.10 29.38 13.07
C ASN B 364 -19.77 28.48 12.04
N ALA B 365 -20.97 27.99 12.32
CA ALA B 365 -21.68 27.16 11.36
C ALA B 365 -22.02 27.93 10.10
N LYS B 366 -22.45 29.19 10.23
CA LYS B 366 -22.74 29.99 9.06
C LYS B 366 -21.50 30.22 8.21
N GLU B 367 -20.36 30.49 8.86
CA GLU B 367 -19.12 30.67 8.13
C GLU B 367 -18.70 29.39 7.43
N LEU B 368 -18.90 28.24 8.09
CA LEU B 368 -18.59 26.96 7.46
C LEU B 368 -19.45 26.74 6.23
N LEU B 369 -20.74 27.03 6.34
CA LEU B 369 -21.63 26.86 5.19
C LEU B 369 -21.22 27.79 4.05
N LYS B 370 -20.87 29.03 4.38
CA LYS B 370 -20.43 29.97 3.34
C LYS B 370 -19.15 29.49 2.67
N ARG B 371 -18.19 28.97 3.45
CA ARG B 371 -16.95 28.48 2.87
C ARG B 371 -17.20 27.29 1.96
N VAL B 372 -18.06 26.36 2.38
CA VAL B 372 -18.37 25.20 1.54
C VAL B 372 -19.06 25.65 0.25
N LYS B 373 -19.99 26.59 0.35
CA LYS B 373 -20.63 27.11 -0.86
C LYS B 373 -19.63 27.85 -1.73
N ALA B 374 -18.56 28.37 -1.15
CA ALA B 374 -17.54 29.06 -1.94
C ALA B 374 -16.66 28.10 -2.73
N TYR B 375 -16.60 26.84 -2.33
CA TYR B 375 -15.77 25.85 -3.01
C TYR B 375 -16.56 25.22 -4.14
N ARG B 376 -16.03 25.33 -5.36
CA ARG B 376 -16.64 24.71 -6.52
C ARG B 376 -16.20 23.25 -6.63
N VAL B 377 -17.11 22.40 -7.07
CA VAL B 377 -16.81 20.97 -7.19
C VAL B 377 -15.81 20.75 -8.31
N THR B 378 -14.74 20.02 -8.00
CA THR B 378 -13.69 19.70 -8.97
C THR B 378 -13.58 18.19 -9.08
N LYS B 379 -13.92 17.65 -10.24
CA LYS B 379 -13.85 16.21 -10.48
C LYS B 379 -13.33 15.92 -11.89
PG ATP D . -18.46 11.74 -2.86
O1G ATP D . -18.67 13.21 -2.80
O2G ATP D . -19.07 11.07 -4.09
O3G ATP D . -17.00 11.33 -2.74
PB ATP D . -19.02 9.74 -0.69
O1B ATP D . -19.26 10.06 0.74
O2B ATP D . -17.67 9.12 -1.02
O3B ATP D . -19.19 11.03 -1.62
PA ATP D . -20.77 7.36 -0.91
O1A ATP D . -20.23 6.29 -1.79
O2A ATP D . -22.29 7.51 -0.94
O3A ATP D . -20.15 8.78 -1.28
O5' ATP D . -20.32 7.15 0.59
C5' ATP D . -19.85 5.86 1.06
C4' ATP D . -20.04 5.79 2.56
O4' ATP D . -21.36 6.27 2.90
C3' ATP D . -19.94 4.39 3.15
O3' ATP D . -19.40 4.44 4.47
C2' ATP D . -21.39 3.92 3.15
O2' ATP D . -21.62 2.97 4.19
C1' ATP D . -22.13 5.21 3.45
N9 ATP D . -23.47 5.29 2.87
C8 ATP D . -23.79 5.55 1.55
N7 ATP D . -25.08 5.54 1.31
C5 ATP D . -25.64 5.26 2.54
C6 ATP D . -26.98 5.10 2.96
N6 ATP D . -28.03 5.23 2.14
N1 ATP D . -27.20 4.81 4.25
C2 ATP D . -26.16 4.68 5.07
N3 ATP D . -24.86 4.80 4.79
C4 ATP D . -24.66 5.09 3.50
#